data_7C88
#
_entry.id   7C88
#
_cell.length_a   107.984
_cell.length_b   65.639
_cell.length_c   107.529
_cell.angle_alpha   90.00
_cell.angle_beta   114.47
_cell.angle_gamma   90.00
#
_symmetry.space_group_name_H-M   'P 1 21 1'
#
loop_
_entity.id
_entity.type
_entity.pdbx_description
1 polymer 'JS003 Heavy chain'
2 polymer 'JS003 Light chain'
3 polymer 'Programmed cell death 1 ligand 1'
4 water water
#
loop_
_entity_poly.entity_id
_entity_poly.type
_entity_poly.pdbx_seq_one_letter_code
_entity_poly.pdbx_strand_id
1 'polypeptide(L)'
;QGQLQESGPSLVKPSQTLSLTCTVSGDSITRGYWNWIRKHPGKGLEYIGYISYTGSTYSNLSLKSRVTISRDTSKNQYYL
KLSSVTAADTAVYYCATSTGWLDPVDYWGQGTLVTVSSASTKGPSVFPLAPCSRSTSESTAALGCLVKDYFPEPVTVSWN
SGALTSGVHTFPAVLQSSGLYSLSSVVTVPSSSLGTKTYTCNVDHKPSNTKVDKRVESKYGPPCPPCP
;
H,A
2 'polypeptide(L)'
;DIVMTQSPDSLAVSLGERATINCKASQNVDTSVAWFQQKPGQPPKALIYSASFRYSGVPDRFSGSGSGTDFTLTISSLQA
EDVAVYFCQQYYGYPFTFGQGTKLEIKRTVAAPSVFIFPPSDEQLKSGTASVVCLLNNFYPREAKVQWKVDNALQSGNSQ
ESVTEQDSKDSTYSLSSTLTLSKADYEKHKVYACEVTHQGLSSPVTKSFNRGEC
;
L,B
3 'polypeptide(L)'
;MRIFAVFIFMTYWHLLNAFTVTVPKDLYVVEYGSNMTIECKFPVEKQLDLAALIVYWEMEDKNIIQFVHGEEDLKVQHSS
YRQRARLLKDQLSLGNAALQITDVKLQDAGVYRCMISYGGADYKRITVKVNAPYNK
;
M,C
#
# COMPACT_ATOMS: atom_id res chain seq x y z
N GLY A 2 -23.62 7.76 2.45
CA GLY A 2 -24.76 7.52 1.59
C GLY A 2 -24.46 8.14 0.25
N GLN A 3 -25.24 9.15 -0.11
CA GLN A 3 -25.01 9.88 -1.35
C GLN A 3 -25.73 11.22 -1.26
N LEU A 4 -25.00 12.30 -1.51
CA LEU A 4 -25.52 13.66 -1.40
C LEU A 4 -25.52 14.32 -2.76
N GLN A 5 -26.59 15.03 -3.08
CA GLN A 5 -26.71 15.65 -4.39
C GLN A 5 -27.30 17.05 -4.23
N GLU A 6 -26.49 18.04 -4.58
CA GLU A 6 -26.83 19.45 -4.47
C GLU A 6 -27.54 19.91 -5.73
N SER A 7 -28.40 20.91 -5.57
CA SER A 7 -29.19 21.40 -6.69
C SER A 7 -29.57 22.85 -6.45
N GLY A 8 -29.98 23.51 -7.53
CA GLY A 8 -30.36 24.91 -7.47
C GLY A 8 -29.77 25.72 -8.61
N PRO A 9 -30.02 27.03 -8.58
CA PRO A 9 -29.54 27.91 -9.65
C PRO A 9 -28.02 27.92 -9.75
N SER A 10 -27.54 28.09 -10.98
CA SER A 10 -26.11 28.33 -11.21
C SER A 10 -25.79 29.80 -11.28
N LEU A 11 -26.80 30.67 -11.26
CA LEU A 11 -26.60 32.11 -11.44
C LEU A 11 -27.60 32.85 -10.56
N VAL A 12 -27.10 33.84 -9.81
CA VAL A 12 -27.92 34.66 -8.92
C VAL A 12 -27.40 36.09 -9.03
N LYS A 13 -28.31 37.05 -9.21
CA LYS A 13 -27.91 38.43 -9.33
C LYS A 13 -27.46 38.97 -7.97
N PRO A 14 -26.51 39.91 -7.96
CA PRO A 14 -26.11 40.53 -6.69
C PRO A 14 -27.30 41.09 -5.93
N SER A 15 -27.14 41.14 -4.60
CA SER A 15 -28.10 41.62 -3.61
C SER A 15 -29.30 40.71 -3.43
N GLN A 16 -29.39 39.61 -4.18
CA GLN A 16 -30.47 38.67 -3.99
C GLN A 16 -30.03 37.58 -3.00
N THR A 17 -30.83 36.54 -2.86
CA THR A 17 -30.58 35.47 -1.89
C THR A 17 -30.28 34.18 -2.64
N LEU A 18 -29.10 33.61 -2.40
CA LEU A 18 -28.75 32.32 -2.96
C LEU A 18 -29.50 31.23 -2.22
N SER A 19 -30.24 30.40 -2.95
CA SER A 19 -30.94 29.26 -2.38
C SER A 19 -30.44 27.98 -3.03
N LEU A 20 -30.06 27.01 -2.20
CA LEU A 20 -29.61 25.71 -2.66
C LEU A 20 -30.29 24.61 -1.87
N THR A 21 -30.30 23.42 -2.47
CA THR A 21 -30.93 22.24 -1.88
C THR A 21 -29.97 21.07 -1.98
N CYS A 22 -29.92 20.24 -0.94
CA CYS A 22 -29.15 19.01 -0.94
C CYS A 22 -30.09 17.84 -0.70
N THR A 23 -30.07 16.89 -1.61
CA THR A 23 -30.90 15.70 -1.55
C THR A 23 -30.07 14.56 -0.99
N VAL A 24 -30.51 14.01 0.13
CA VAL A 24 -29.73 13.10 0.96
C VAL A 24 -30.34 11.71 0.83
N SER A 25 -29.49 10.71 0.56
CA SER A 25 -29.90 9.34 0.28
C SER A 25 -28.99 8.38 1.04
N GLY A 26 -29.25 7.07 0.88
CA GLY A 26 -28.33 6.08 1.40
C GLY A 26 -28.26 6.01 2.92
N ASP A 27 -27.05 5.72 3.41
CA ASP A 27 -26.73 5.79 4.85
C ASP A 27 -26.81 7.22 5.43
N SER A 28 -26.48 8.26 4.63
CA SER A 28 -26.41 9.65 5.12
C SER A 28 -27.73 10.18 5.71
N ILE A 29 -28.88 9.55 5.41
CA ILE A 29 -30.18 10.00 5.90
C ILE A 29 -30.17 10.07 7.41
N THR A 30 -29.49 9.13 8.07
CA THR A 30 -29.49 9.05 9.52
C THR A 30 -28.23 9.62 10.16
N ARG A 31 -27.26 10.08 9.37
CA ARG A 31 -26.10 10.72 9.97
C ARG A 31 -26.53 12.00 10.68
N GLY A 32 -25.82 12.33 11.77
CA GLY A 32 -26.33 13.28 12.73
C GLY A 32 -26.25 14.73 12.32
N TYR A 33 -25.28 15.07 11.46
CA TYR A 33 -25.01 16.47 11.13
C TYR A 33 -24.88 16.63 9.62
N TRP A 34 -25.69 17.52 9.05
CA TRP A 34 -25.72 17.80 7.61
C TRP A 34 -25.10 19.18 7.41
N ASN A 35 -23.94 19.23 6.76
CA ASN A 35 -23.16 20.45 6.66
C ASN A 35 -23.26 21.07 5.28
N TRP A 36 -22.88 22.35 5.21
CA TRP A 36 -22.65 23.06 3.96
C TRP A 36 -21.22 23.60 3.97
N ILE A 37 -20.51 23.43 2.87
CA ILE A 37 -19.17 23.98 2.69
C ILE A 37 -19.10 24.59 1.31
N ARG A 38 -18.32 25.67 1.18
CA ARG A 38 -18.12 26.31 -0.11
C ARG A 38 -16.65 26.59 -0.33
N LYS A 39 -16.30 26.84 -1.59
CA LYS A 39 -14.91 27.11 -1.98
C LYS A 39 -14.93 28.24 -3.00
N HIS A 40 -14.53 29.43 -2.54
CA HIS A 40 -14.35 30.56 -3.44
C HIS A 40 -13.09 30.36 -4.27
N PRO A 41 -13.12 30.69 -5.57
CA PRO A 41 -11.92 30.53 -6.40
C PRO A 41 -10.75 31.30 -5.84
N GLY A 42 -9.58 30.66 -5.84
CA GLY A 42 -8.39 31.26 -5.28
C GLY A 42 -8.43 31.45 -3.78
N LYS A 43 -9.26 30.68 -3.08
CA LYS A 43 -9.37 30.76 -1.62
C LYS A 43 -9.54 29.36 -1.06
N GLY A 44 -9.22 29.22 0.22
CA GLY A 44 -9.41 27.95 0.88
C GLY A 44 -10.88 27.64 1.11
N LEU A 45 -11.16 26.38 1.43
CA LEU A 45 -12.51 25.97 1.76
C LEU A 45 -12.99 26.71 3.00
N GLU A 46 -14.26 27.14 2.96
CA GLU A 46 -14.88 27.85 4.07
C GLU A 46 -16.05 27.02 4.60
N TYR A 47 -15.99 26.66 5.87
CA TYR A 47 -17.07 25.94 6.51
C TYR A 47 -18.24 26.88 6.78
N ILE A 48 -19.42 26.53 6.28
CA ILE A 48 -20.59 27.41 6.39
C ILE A 48 -21.38 27.11 7.65
N GLY A 49 -21.77 25.85 7.85
CA GLY A 49 -22.52 25.48 9.02
C GLY A 49 -23.14 24.10 8.85
N TYR A 50 -24.10 23.80 9.73
CA TYR A 50 -24.78 22.52 9.67
C TYR A 50 -26.24 22.68 10.13
N ILE A 51 -26.98 21.59 9.96
CA ILE A 51 -28.22 21.34 10.68
C ILE A 51 -28.16 19.91 11.21
N SER A 52 -28.62 19.71 12.44
CA SER A 52 -28.48 18.44 13.12
C SER A 52 -29.80 17.67 13.11
N TYR A 53 -29.70 16.39 13.48
CA TYR A 53 -30.89 15.55 13.59
C TYR A 53 -31.84 16.06 14.66
N THR A 54 -31.36 16.93 15.55
CA THR A 54 -32.21 17.57 16.55
C THR A 54 -32.89 18.82 16.02
N GLY A 55 -32.63 19.20 14.77
CA GLY A 55 -33.11 20.44 14.23
C GLY A 55 -32.26 21.65 14.54
N SER A 56 -31.21 21.47 15.34
CA SER A 56 -30.35 22.59 15.70
C SER A 56 -29.45 22.97 14.53
N THR A 57 -29.12 24.24 14.45
CA THR A 57 -28.32 24.79 13.37
C THR A 57 -27.06 25.45 13.92
N TYR A 58 -26.04 25.50 13.08
CA TYR A 58 -24.85 26.30 13.34
C TYR A 58 -24.47 27.01 12.06
N SER A 59 -23.97 28.23 12.19
CA SER A 59 -23.50 29.01 11.05
C SER A 59 -22.22 29.72 11.42
N ASN A 60 -21.27 29.74 10.49
CA ASN A 60 -20.01 30.44 10.70
C ASN A 60 -20.29 31.92 11.00
N LEU A 61 -19.57 32.46 12.00
CA LEU A 61 -19.70 33.87 12.34
C LEU A 61 -19.37 34.77 11.17
N SER A 62 -18.47 34.33 10.29
CA SER A 62 -18.14 35.10 9.09
C SER A 62 -19.36 35.27 8.18
N LEU A 63 -20.39 34.46 8.36
CA LEU A 63 -21.54 34.43 7.48
C LEU A 63 -22.88 34.46 8.21
N LYS A 64 -22.90 34.25 9.52
CA LYS A 64 -24.10 34.08 10.34
C LYS A 64 -25.21 35.06 9.99
N SER A 65 -24.84 36.32 9.74
CA SER A 65 -25.83 37.36 9.45
C SER A 65 -26.71 36.99 8.26
N ARG A 66 -26.13 36.43 7.21
CA ARG A 66 -26.80 36.27 5.93
C ARG A 66 -27.28 34.85 5.66
N VAL A 67 -27.01 33.90 6.54
CA VAL A 67 -27.21 32.48 6.25
C VAL A 67 -28.42 31.98 7.01
N THR A 68 -29.20 31.12 6.35
CA THR A 68 -30.29 30.38 6.96
C THR A 68 -30.20 28.93 6.49
N ILE A 69 -30.06 28.00 7.41
CA ILE A 69 -30.06 26.57 7.11
C ILE A 69 -31.33 25.96 7.68
N SER A 70 -31.99 25.13 6.88
CA SER A 70 -33.23 24.50 7.29
C SER A 70 -33.30 23.12 6.65
N ARG A 71 -34.35 22.38 6.98
CA ARG A 71 -34.47 21.00 6.53
C ARG A 71 -35.93 20.65 6.34
N ASP A 72 -36.14 19.54 5.64
CA ASP A 72 -37.47 18.95 5.46
C ASP A 72 -37.25 17.44 5.41
N THR A 73 -37.45 16.78 6.54
CA THR A 73 -37.21 15.34 6.61
C THR A 73 -38.24 14.56 5.82
N SER A 74 -39.43 15.14 5.57
CA SER A 74 -40.45 14.44 4.81
C SER A 74 -40.06 14.25 3.35
N LYS A 75 -39.06 14.99 2.87
CA LYS A 75 -38.53 14.82 1.53
C LYS A 75 -37.06 14.41 1.52
N ASN A 76 -36.44 14.25 2.69
CA ASN A 76 -35.02 13.93 2.78
C ASN A 76 -34.14 14.99 2.12
N GLN A 77 -34.37 16.25 2.53
CA GLN A 77 -33.65 17.39 2.01
C GLN A 77 -33.20 18.28 3.16
N TYR A 78 -32.19 19.09 2.88
CA TYR A 78 -31.88 20.26 3.69
C TYR A 78 -31.36 21.36 2.77
N TYR A 79 -31.56 22.60 3.19
CA TYR A 79 -31.42 23.75 2.32
C TYR A 79 -30.43 24.75 2.88
N LEU A 80 -29.97 25.65 1.99
CA LEU A 80 -29.12 26.76 2.36
C LEU A 80 -29.63 28.01 1.68
N LYS A 81 -29.79 29.08 2.44
CA LYS A 81 -30.20 30.37 1.91
C LYS A 81 -29.21 31.43 2.38
N LEU A 82 -28.59 32.10 1.42
CA LEU A 82 -27.55 33.10 1.67
C LEU A 82 -27.99 34.40 1.04
N SER A 83 -28.29 35.40 1.87
CA SER A 83 -28.88 36.64 1.39
C SER A 83 -27.81 37.67 1.03
N SER A 84 -28.24 38.69 0.29
CA SER A 84 -27.41 39.85 -0.06
C SER A 84 -26.06 39.42 -0.63
N VAL A 85 -26.11 38.49 -1.59
CA VAL A 85 -24.90 37.91 -2.16
C VAL A 85 -24.14 38.96 -2.97
N THR A 86 -22.81 38.80 -3.00
CA THR A 86 -21.90 39.64 -3.78
C THR A 86 -20.97 38.72 -4.55
N ALA A 87 -20.07 39.33 -5.34
CA ALA A 87 -19.10 38.56 -6.10
C ALA A 87 -18.23 37.68 -5.21
N ALA A 88 -18.07 38.04 -3.94
CA ALA A 88 -17.32 37.22 -3.00
C ALA A 88 -18.01 35.89 -2.72
N ASP A 89 -19.30 35.77 -3.04
CA ASP A 89 -20.04 34.55 -2.76
C ASP A 89 -20.09 33.60 -3.95
N THR A 90 -19.45 33.95 -5.07
CA THR A 90 -19.22 32.97 -6.12
C THR A 90 -18.35 31.85 -5.58
N ALA A 91 -18.87 30.62 -5.62
CA ALA A 91 -18.15 29.51 -5.02
C ALA A 91 -18.78 28.19 -5.47
N VAL A 92 -17.99 27.13 -5.37
CA VAL A 92 -18.53 25.77 -5.46
C VAL A 92 -19.07 25.39 -4.08
N TYR A 93 -20.36 25.10 -4.01
CA TYR A 93 -21.03 24.86 -2.74
C TYR A 93 -21.20 23.37 -2.55
N TYR A 94 -20.69 22.85 -1.45
CA TYR A 94 -20.71 21.41 -1.16
C TYR A 94 -21.69 21.15 -0.02
N CYS A 95 -22.53 20.12 -0.17
CA CYS A 95 -23.19 19.58 1.01
C CYS A 95 -22.44 18.33 1.46
N ALA A 96 -22.50 18.06 2.76
CA ALA A 96 -21.63 17.04 3.33
C ALA A 96 -22.12 16.67 4.72
N THR A 97 -21.75 15.47 5.14
CA THR A 97 -22.21 14.88 6.40
C THR A 97 -21.05 14.62 7.35
N SER A 98 -21.38 14.52 8.64
CA SER A 98 -20.45 14.11 9.68
C SER A 98 -21.23 13.33 10.73
N THR A 99 -20.56 12.35 11.35
CA THR A 99 -21.27 11.43 12.24
C THR A 99 -21.65 12.10 13.56
N GLY A 100 -20.78 12.94 14.11
CA GLY A 100 -21.01 13.54 15.40
C GLY A 100 -20.74 15.04 15.40
N TRP A 101 -20.92 15.63 16.58
CA TRP A 101 -20.71 17.06 16.75
C TRP A 101 -19.25 17.45 16.68
N LEU A 102 -18.35 16.51 16.94
CA LEU A 102 -16.91 16.75 17.02
C LEU A 102 -16.16 15.73 16.17
N ASP A 103 -16.66 15.51 14.96
CA ASP A 103 -16.09 14.58 14.01
C ASP A 103 -15.79 15.29 12.70
N PRO A 104 -14.89 14.75 11.87
CA PRO A 104 -14.61 15.38 10.59
C PRO A 104 -15.79 15.26 9.62
N VAL A 105 -15.78 16.16 8.64
CA VAL A 105 -16.74 16.13 7.54
C VAL A 105 -16.27 15.06 6.56
N ASP A 106 -16.86 13.87 6.63
CA ASP A 106 -16.24 12.67 6.06
C ASP A 106 -16.89 12.17 4.78
N TYR A 107 -18.03 12.73 4.37
CA TYR A 107 -18.64 12.35 3.09
C TYR A 107 -19.11 13.61 2.39
N TRP A 108 -18.66 13.81 1.15
CA TRP A 108 -18.88 15.04 0.42
C TRP A 108 -19.72 14.78 -0.82
N GLY A 109 -20.58 15.73 -1.16
CA GLY A 109 -21.21 15.75 -2.45
C GLY A 109 -20.29 16.28 -3.54
N GLN A 110 -20.73 16.15 -4.79
CA GLN A 110 -19.92 16.61 -5.90
C GLN A 110 -19.73 18.13 -5.89
N GLY A 111 -20.62 18.87 -5.24
CA GLY A 111 -20.54 20.31 -5.23
C GLY A 111 -21.12 20.91 -6.50
N THR A 112 -21.68 22.11 -6.39
CA THR A 112 -22.26 22.79 -7.54
C THR A 112 -21.78 24.23 -7.57
N LEU A 113 -21.37 24.70 -8.74
CA LEU A 113 -20.90 26.07 -8.89
C LEU A 113 -22.08 27.03 -8.91
N VAL A 114 -21.96 28.12 -8.17
CA VAL A 114 -22.95 29.21 -8.20
C VAL A 114 -22.20 30.50 -8.46
N THR A 115 -22.50 31.14 -9.58
CA THR A 115 -21.92 32.43 -9.92
C THR A 115 -22.88 33.56 -9.58
N VAL A 116 -22.35 34.63 -9.01
CA VAL A 116 -23.11 35.85 -8.74
C VAL A 116 -22.73 36.87 -9.80
N SER A 117 -23.70 37.33 -10.59
CA SER A 117 -23.38 38.20 -11.71
C SER A 117 -24.65 38.83 -12.26
N SER A 118 -24.52 40.05 -12.80
CA SER A 118 -25.65 40.73 -13.42
C SER A 118 -25.92 40.21 -14.84
N ALA A 119 -24.96 39.52 -15.44
CA ALA A 119 -25.09 39.11 -16.83
C ALA A 119 -26.22 38.10 -16.99
N SER A 120 -26.77 38.03 -18.20
CA SER A 120 -27.83 37.10 -18.52
C SER A 120 -27.26 35.74 -18.92
N THR A 121 -28.07 34.70 -18.69
CA THR A 121 -27.73 33.39 -19.21
C THR A 121 -27.74 33.40 -20.72
N LYS A 122 -26.76 32.73 -21.33
CA LYS A 122 -26.67 32.61 -22.78
C LYS A 122 -26.16 31.22 -23.12
N GLY A 123 -26.89 30.52 -23.99
CA GLY A 123 -26.48 29.21 -24.42
C GLY A 123 -25.33 29.29 -25.41
N PRO A 124 -24.59 28.19 -25.54
CA PRO A 124 -23.42 28.19 -26.42
C PRO A 124 -23.75 27.77 -27.85
N SER A 125 -22.84 28.12 -28.75
CA SER A 125 -22.79 27.56 -30.08
C SER A 125 -21.71 26.49 -30.12
N VAL A 126 -21.98 25.40 -30.83
CA VAL A 126 -21.07 24.27 -30.92
C VAL A 126 -20.59 24.15 -32.36
N PHE A 127 -19.28 24.16 -32.54
CA PHE A 127 -18.66 24.04 -33.85
C PHE A 127 -17.71 22.85 -33.88
N PRO A 128 -17.57 22.18 -35.01
CA PRO A 128 -16.68 21.03 -35.09
C PRO A 128 -15.22 21.44 -35.14
N LEU A 129 -14.37 20.55 -34.61
CA LEU A 129 -12.92 20.67 -34.72
C LEU A 129 -12.43 19.48 -35.55
N ALA A 130 -11.99 19.76 -36.77
CA ALA A 130 -11.59 18.68 -37.67
C ALA A 130 -10.44 19.18 -38.55
N PRO A 131 -9.51 18.31 -38.92
CA PRO A 131 -8.35 18.76 -39.70
C PRO A 131 -8.74 19.17 -41.11
N CYS A 132 -7.90 20.01 -41.70
CA CYS A 132 -8.07 20.44 -43.08
C CYS A 132 -7.73 19.34 -44.07
N GLU A 138 -1.32 11.09 -40.71
CA GLU A 138 -0.59 10.20 -39.82
C GLU A 138 -1.43 9.01 -39.39
N SER A 139 -0.93 8.24 -38.42
CA SER A 139 -1.70 7.14 -37.87
C SER A 139 -2.67 7.58 -36.76
N THR A 140 -2.43 8.72 -36.14
CA THR A 140 -3.25 9.24 -35.05
C THR A 140 -3.90 10.55 -35.49
N ALA A 141 -5.21 10.62 -35.35
CA ALA A 141 -5.95 11.82 -35.74
C ALA A 141 -6.69 12.39 -34.55
N ALA A 142 -6.99 13.69 -34.62
CA ALA A 142 -7.64 14.41 -33.55
C ALA A 142 -8.95 14.99 -34.04
N LEU A 143 -9.98 14.88 -33.20
CA LEU A 143 -11.30 15.44 -33.46
C LEU A 143 -11.74 16.21 -32.21
N GLY A 144 -12.70 17.11 -32.38
CA GLY A 144 -13.19 17.81 -31.21
C GLY A 144 -14.39 18.69 -31.53
N CYS A 145 -14.87 19.37 -30.48
CA CYS A 145 -15.97 20.32 -30.56
C CYS A 145 -15.59 21.59 -29.83
N LEU A 146 -15.87 22.74 -30.44
CA LEU A 146 -15.66 24.04 -29.82
C LEU A 146 -16.98 24.56 -29.28
N VAL A 147 -17.06 24.77 -27.97
CA VAL A 147 -18.27 25.21 -27.29
C VAL A 147 -18.05 26.65 -26.87
N LYS A 148 -18.66 27.57 -27.62
CA LYS A 148 -18.30 28.99 -27.60
C LYS A 148 -19.44 29.88 -27.13
N ASP A 149 -19.08 30.95 -26.43
CA ASP A 149 -20.00 32.06 -26.10
C ASP A 149 -21.21 31.60 -25.27
N TYR A 150 -20.92 31.04 -24.11
CA TYR A 150 -21.95 30.70 -23.15
C TYR A 150 -21.69 31.36 -21.80
N PHE A 151 -22.73 31.42 -20.97
CA PHE A 151 -22.68 31.98 -19.63
C PHE A 151 -23.92 31.52 -18.88
N PRO A 152 -23.81 31.11 -17.61
CA PRO A 152 -22.52 31.02 -16.91
C PRO A 152 -21.91 29.63 -17.02
N GLU A 153 -20.86 29.38 -16.24
CA GLU A 153 -20.35 28.04 -16.09
C GLU A 153 -21.31 27.22 -15.22
N PRO A 154 -21.29 25.88 -15.34
CA PRO A 154 -20.41 25.06 -16.18
C PRO A 154 -21.09 24.54 -17.44
N VAL A 155 -20.29 23.98 -18.34
CA VAL A 155 -20.80 23.18 -19.45
C VAL A 155 -20.17 21.80 -19.33
N THR A 156 -20.94 20.77 -19.66
CA THR A 156 -20.47 19.39 -19.63
C THR A 156 -20.37 18.84 -21.05
N VAL A 157 -19.29 18.13 -21.32
CA VAL A 157 -19.08 17.48 -22.61
C VAL A 157 -18.74 16.02 -22.38
N SER A 158 -19.40 15.12 -23.11
CA SER A 158 -19.04 13.72 -23.17
C SER A 158 -18.88 13.33 -24.63
N TRP A 159 -18.42 12.11 -24.87
CA TRP A 159 -18.23 11.61 -26.22
C TRP A 159 -18.90 10.25 -26.36
N ASN A 160 -19.70 10.10 -27.42
CA ASN A 160 -20.44 8.87 -27.70
C ASN A 160 -21.31 8.48 -26.50
N SER A 161 -22.01 9.48 -25.95
CA SER A 161 -22.90 9.30 -24.81
C SER A 161 -22.19 8.65 -23.62
N GLY A 162 -20.90 8.94 -23.45
CA GLY A 162 -20.14 8.42 -22.34
C GLY A 162 -19.41 7.12 -22.60
N ALA A 163 -19.57 6.53 -23.78
CA ALA A 163 -18.90 5.27 -24.08
C ALA A 163 -17.44 5.47 -24.47
N LEU A 164 -17.07 6.67 -24.91
CA LEU A 164 -15.69 6.97 -25.27
C LEU A 164 -15.11 7.91 -24.22
N THR A 165 -14.17 7.41 -23.43
CA THR A 165 -13.43 8.22 -22.48
C THR A 165 -11.93 8.23 -22.72
N SER A 166 -11.37 7.17 -23.30
CA SER A 166 -9.94 7.12 -23.56
C SER A 166 -9.54 8.13 -24.62
N GLY A 167 -8.52 8.93 -24.32
CA GLY A 167 -8.04 9.93 -25.25
C GLY A 167 -8.83 11.21 -25.31
N VAL A 168 -9.80 11.39 -24.42
CA VAL A 168 -10.62 12.60 -24.39
C VAL A 168 -9.98 13.63 -23.48
N HIS A 169 -9.87 14.87 -23.95
CA HIS A 169 -9.39 15.98 -23.15
C HIS A 169 -10.40 17.12 -23.27
N THR A 170 -11.13 17.38 -22.19
CA THR A 170 -12.04 18.52 -22.11
C THR A 170 -11.35 19.61 -21.31
N PHE A 171 -11.03 20.71 -21.97
CA PHE A 171 -10.16 21.72 -21.40
C PHE A 171 -10.93 22.67 -20.48
N PRO A 172 -10.25 23.32 -19.55
CA PRO A 172 -10.90 24.35 -18.74
C PRO A 172 -11.46 25.46 -19.62
N ALA A 173 -12.63 25.95 -19.25
CA ALA A 173 -13.24 27.05 -19.97
C ALA A 173 -12.39 28.30 -19.83
N VAL A 174 -12.47 29.18 -20.82
CA VAL A 174 -11.70 30.42 -20.84
C VAL A 174 -12.68 31.58 -20.98
N LEU A 175 -12.39 32.67 -20.26
CA LEU A 175 -13.26 33.84 -20.26
C LEU A 175 -12.81 34.79 -21.36
N GLN A 176 -13.69 35.03 -22.34
CA GLN A 176 -13.38 35.96 -23.41
C GLN A 176 -13.67 37.39 -22.97
N SER A 177 -13.17 38.35 -23.76
CA SER A 177 -13.37 39.76 -23.40
C SER A 177 -14.81 40.19 -23.54
N SER A 178 -15.65 39.42 -24.24
CA SER A 178 -17.07 39.71 -24.33
C SER A 178 -17.83 39.38 -23.05
N GLY A 179 -17.19 38.73 -22.08
CA GLY A 179 -17.86 38.28 -20.88
C GLY A 179 -18.47 36.90 -21.00
N LEU A 180 -18.31 36.24 -22.14
CA LEU A 180 -18.79 34.88 -22.35
C LEU A 180 -17.64 33.90 -22.26
N TYR A 181 -17.97 32.64 -21.95
CA TYR A 181 -16.98 31.60 -21.82
C TYR A 181 -16.82 30.82 -23.12
N SER A 182 -15.72 30.07 -23.19
CA SER A 182 -15.44 29.21 -24.33
C SER A 182 -14.57 28.06 -23.85
N LEU A 183 -14.91 26.84 -24.28
CA LEU A 183 -14.04 25.70 -24.07
C LEU A 183 -14.04 24.81 -25.30
N SER A 184 -13.00 24.00 -25.41
CA SER A 184 -12.93 22.95 -26.41
C SER A 184 -12.72 21.60 -25.73
N SER A 185 -13.29 20.57 -26.33
CA SER A 185 -13.07 19.19 -25.90
C SER A 185 -12.63 18.40 -27.12
N VAL A 186 -11.55 17.64 -26.98
CA VAL A 186 -10.95 16.92 -28.09
C VAL A 186 -10.80 15.45 -27.75
N VAL A 187 -10.60 14.65 -28.78
CA VAL A 187 -10.29 13.23 -28.62
C VAL A 187 -9.32 12.83 -29.72
N THR A 188 -8.36 12.00 -29.38
CA THR A 188 -7.43 11.44 -30.34
C THR A 188 -7.83 10.00 -30.64
N VAL A 189 -7.77 9.63 -31.91
CA VAL A 189 -8.27 8.33 -32.36
C VAL A 189 -7.36 7.80 -33.43
N PRO A 190 -7.36 6.49 -33.67
CA PRO A 190 -6.65 5.94 -34.82
C PRO A 190 -7.22 6.48 -36.11
N SER A 191 -6.32 6.84 -37.03
CA SER A 191 -6.74 7.29 -38.34
C SER A 191 -7.45 6.18 -39.09
N SER A 192 -7.06 4.93 -38.83
CA SER A 192 -7.69 3.76 -39.45
C SER A 192 -9.10 3.50 -38.95
N SER A 193 -9.66 4.34 -38.08
CA SER A 193 -11.04 4.20 -37.65
C SER A 193 -11.98 5.28 -38.18
N LEU A 194 -11.45 6.29 -38.88
CA LEU A 194 -12.27 7.46 -39.19
C LEU A 194 -13.40 7.12 -40.15
N GLY A 195 -13.13 6.30 -41.16
CA GLY A 195 -14.16 5.92 -42.10
C GLY A 195 -15.20 4.95 -41.59
N THR A 196 -14.97 4.35 -40.41
CA THR A 196 -15.83 3.26 -39.95
C THR A 196 -16.49 3.49 -38.60
N LYS A 197 -15.91 4.31 -37.72
CA LYS A 197 -16.47 4.57 -36.41
C LYS A 197 -16.92 6.02 -36.29
N THR A 198 -17.98 6.24 -35.52
CA THR A 198 -18.56 7.56 -35.37
C THR A 198 -18.11 8.19 -34.05
N TYR A 199 -17.88 9.50 -34.09
CA TYR A 199 -17.38 10.25 -32.95
C TYR A 199 -18.28 11.46 -32.74
N THR A 200 -19.00 11.49 -31.63
CA THR A 200 -20.04 12.47 -31.39
C THR A 200 -19.84 13.09 -30.03
N CYS A 201 -19.75 14.42 -29.99
CA CYS A 201 -19.62 15.13 -28.72
C CYS A 201 -21.01 15.47 -28.22
N ASN A 202 -21.24 15.24 -26.94
CA ASN A 202 -22.51 15.51 -26.28
C ASN A 202 -22.31 16.70 -25.36
N VAL A 203 -22.96 17.81 -25.68
CA VAL A 203 -22.76 19.07 -24.98
C VAL A 203 -24.04 19.40 -24.23
N ASP A 204 -23.89 19.74 -22.96
CA ASP A 204 -25.03 20.07 -22.10
C ASP A 204 -24.69 21.34 -21.33
N HIS A 205 -25.46 22.40 -21.57
CA HIS A 205 -25.37 23.63 -20.81
C HIS A 205 -26.69 23.75 -20.04
N LYS A 206 -26.71 23.16 -18.85
CA LYS A 206 -27.91 23.15 -17.99
C LYS A 206 -28.49 24.54 -17.75
N PRO A 207 -27.71 25.57 -17.36
CA PRO A 207 -28.34 26.87 -17.08
C PRO A 207 -29.10 27.46 -18.25
N SER A 208 -28.82 27.04 -19.48
CA SER A 208 -29.62 27.50 -20.59
C SER A 208 -30.45 26.39 -21.21
N ASN A 209 -30.42 25.19 -20.60
CA ASN A 209 -31.21 24.06 -21.08
C ASN A 209 -30.90 23.81 -22.56
N THR A 210 -29.61 23.83 -22.87
CA THR A 210 -29.11 23.54 -24.20
C THR A 210 -28.55 22.13 -24.20
N LYS A 211 -28.98 21.32 -25.16
CA LYS A 211 -28.48 19.97 -25.33
C LYS A 211 -28.17 19.76 -26.79
N VAL A 212 -26.93 19.39 -27.09
CA VAL A 212 -26.48 19.28 -28.47
C VAL A 212 -25.66 18.00 -28.60
N ASP A 213 -26.01 17.18 -29.59
CA ASP A 213 -25.20 16.06 -30.03
C ASP A 213 -24.69 16.37 -31.42
N LYS A 214 -23.36 16.45 -31.56
CA LYS A 214 -22.73 16.81 -32.83
C LYS A 214 -21.74 15.72 -33.21
N ARG A 215 -21.95 15.11 -34.37
CA ARG A 215 -20.98 14.17 -34.92
C ARG A 215 -19.94 14.94 -35.73
N VAL A 216 -18.66 14.73 -35.41
CA VAL A 216 -17.55 15.39 -36.08
C VAL A 216 -16.89 14.37 -36.99
N GLU A 217 -16.58 14.76 -38.22
CA GLU A 217 -16.14 13.79 -39.21
C GLU A 217 -14.78 14.13 -39.81
N SER A 218 -13.94 13.09 -39.90
CA SER A 218 -12.57 13.10 -40.42
C SER A 218 -11.84 14.42 -40.26
N ASP B 1 -11.05 32.18 14.87
CA ASP B 1 -10.99 30.82 14.37
C ASP B 1 -9.61 30.21 14.59
N ILE B 2 -9.54 28.88 14.49
CA ILE B 2 -8.27 28.18 14.48
C ILE B 2 -7.82 28.08 13.02
N VAL B 3 -6.77 28.81 12.68
CA VAL B 3 -6.29 28.85 11.31
C VAL B 3 -5.37 27.65 11.06
N MET B 4 -5.60 26.94 9.97
CA MET B 4 -4.81 25.78 9.59
C MET B 4 -3.96 26.16 8.39
N THR B 5 -2.65 26.29 8.60
CA THR B 5 -1.74 26.70 7.53
C THR B 5 -1.03 25.48 6.96
N GLN B 6 -1.25 25.22 5.68
CA GLN B 6 -0.62 24.08 5.01
C GLN B 6 0.65 24.52 4.31
N SER B 7 1.59 23.58 4.16
CA SER B 7 2.85 23.81 3.49
C SER B 7 3.38 22.50 2.93
N PRO B 8 3.78 22.45 1.66
CA PRO B 8 3.81 23.61 0.76
C PRO B 8 2.49 23.85 0.05
N ASP B 9 2.45 24.91 -0.75
CA ASP B 9 1.31 25.14 -1.62
C ASP B 9 1.25 24.10 -2.73
N SER B 10 2.40 23.62 -3.18
CA SER B 10 2.47 22.66 -4.26
C SER B 10 3.79 21.90 -4.16
N LEU B 11 3.77 20.66 -4.64
CA LEU B 11 4.95 19.82 -4.59
C LEU B 11 4.96 18.94 -5.82
N ALA B 12 6.16 18.62 -6.31
CA ALA B 12 6.36 17.70 -7.42
C ALA B 12 7.24 16.55 -6.95
N VAL B 13 6.74 15.32 -7.09
CA VAL B 13 7.43 14.13 -6.61
C VAL B 13 7.46 13.07 -7.70
N SER B 14 8.55 12.32 -7.79
CA SER B 14 8.59 11.24 -8.77
C SER B 14 7.80 10.03 -8.27
N LEU B 15 7.43 9.17 -9.21
CA LEU B 15 6.72 7.96 -8.86
C LEU B 15 7.58 7.05 -7.98
N GLY B 16 6.93 6.31 -7.11
CA GLY B 16 7.61 5.42 -6.20
C GLY B 16 8.27 6.09 -5.02
N GLU B 17 8.41 7.41 -5.04
CA GLU B 17 9.05 8.15 -3.97
C GLU B 17 8.01 8.67 -2.97
N ARG B 18 8.46 9.48 -2.03
CA ARG B 18 7.68 9.91 -0.88
C ARG B 18 7.38 11.40 -0.94
N ALA B 19 6.13 11.76 -0.62
CA ALA B 19 5.72 13.15 -0.55
C ALA B 19 5.26 13.47 0.86
N THR B 20 5.59 14.68 1.32
CA THR B 20 5.31 15.11 2.69
C THR B 20 4.49 16.40 2.63
N ILE B 21 3.33 16.39 3.28
CA ILE B 21 2.43 17.54 3.31
C ILE B 21 2.15 17.90 4.76
N ASN B 22 2.53 19.11 5.15
CA ASN B 22 2.37 19.60 6.51
C ASN B 22 1.14 20.48 6.65
N CYS B 23 0.54 20.43 7.84
CA CYS B 23 -0.57 21.30 8.19
C CYS B 23 -0.39 21.75 9.62
N LYS B 24 -0.36 23.06 9.84
CA LYS B 24 0.02 23.66 11.11
C LYS B 24 -1.14 24.47 11.68
N ALA B 25 -1.58 24.11 12.88
CA ALA B 25 -2.67 24.77 13.56
C ALA B 25 -2.15 25.94 14.40
N SER B 26 -2.98 26.98 14.50
CA SER B 26 -2.62 28.18 15.24
C SER B 26 -2.82 28.03 16.74
N GLN B 27 -3.37 26.90 17.20
CA GLN B 27 -3.48 26.60 18.62
C GLN B 27 -3.75 25.11 18.79
N ASN B 28 -3.48 24.61 19.99
CA ASN B 28 -3.61 23.18 20.29
C ASN B 28 -4.97 22.62 19.89
N VAL B 29 -4.92 21.52 19.13
CA VAL B 29 -6.08 20.87 18.50
C VAL B 29 -6.21 19.38 18.81
N ASP B 30 -5.76 18.89 19.98
CA ASP B 30 -4.64 17.96 20.09
C ASP B 30 -4.55 16.91 18.99
N THR B 31 -5.63 16.18 18.70
CA THR B 31 -5.53 15.28 17.55
C THR B 31 -6.77 15.30 16.68
N SER B 32 -7.58 16.36 16.77
CA SER B 32 -8.80 16.48 15.99
C SER B 32 -8.48 17.06 14.61
N VAL B 33 -7.76 16.27 13.82
CA VAL B 33 -7.36 16.67 12.48
C VAL B 33 -7.65 15.53 11.52
N ALA B 34 -8.19 15.88 10.35
CA ALA B 34 -8.47 14.94 9.29
C ALA B 34 -7.72 15.35 8.03
N TRP B 35 -7.47 14.36 7.17
CA TRP B 35 -6.83 14.60 5.88
C TRP B 35 -7.77 14.16 4.77
N PHE B 36 -7.74 14.89 3.65
CA PHE B 36 -8.61 14.59 2.53
C PHE B 36 -7.81 14.61 1.23
N GLN B 37 -8.35 13.90 0.24
CA GLN B 37 -7.83 13.89 -1.12
C GLN B 37 -8.94 14.31 -2.07
N GLN B 38 -8.64 15.23 -2.99
CA GLN B 38 -9.61 15.69 -3.98
C GLN B 38 -8.97 15.64 -5.36
N LYS B 39 -9.28 14.57 -6.11
CA LYS B 39 -8.88 14.44 -7.50
C LYS B 39 -9.75 15.34 -8.38
N PRO B 40 -9.23 15.78 -9.52
CA PRO B 40 -9.93 16.79 -10.34
C PRO B 40 -11.36 16.38 -10.71
N GLY B 41 -12.28 17.31 -10.52
CA GLY B 41 -13.68 17.08 -10.85
C GLY B 41 -14.37 16.06 -9.99
N GLN B 42 -13.79 15.73 -8.83
CA GLN B 42 -14.33 14.75 -7.90
C GLN B 42 -14.52 15.41 -6.54
N PRO B 43 -15.43 14.87 -5.72
CA PRO B 43 -15.59 15.40 -4.37
C PRO B 43 -14.43 15.00 -3.49
N PRO B 44 -14.19 15.73 -2.39
CA PRO B 44 -13.14 15.33 -1.45
C PRO B 44 -13.38 13.93 -0.89
N LYS B 45 -12.28 13.24 -0.59
CA LYS B 45 -12.32 11.85 -0.13
C LYS B 45 -11.55 11.76 1.18
N ALA B 46 -12.21 11.29 2.23
CA ALA B 46 -11.59 11.22 3.54
C ALA B 46 -10.48 10.18 3.57
N LEU B 47 -9.29 10.60 4.01
CA LEU B 47 -8.13 9.72 4.12
C LEU B 47 -7.82 9.33 5.55
N ILE B 48 -7.69 10.30 6.46
CA ILE B 48 -7.27 10.08 7.84
C ILE B 48 -8.23 10.86 8.74
N TYR B 49 -8.56 10.31 9.92
CA TYR B 49 -9.09 11.11 11.02
C TYR B 49 -8.39 10.74 12.30
N SER B 50 -8.55 11.60 13.31
CA SER B 50 -7.79 11.61 14.57
C SER B 50 -6.28 11.63 14.33
N ALA B 51 -5.89 12.09 13.15
CA ALA B 51 -4.58 12.58 12.75
C ALA B 51 -3.52 11.49 12.55
N SER B 52 -3.77 10.23 12.87
CA SER B 52 -2.92 9.22 12.28
C SER B 52 -3.60 7.97 11.76
N PHE B 53 -4.89 7.82 11.96
CA PHE B 53 -5.58 6.60 11.63
C PHE B 53 -6.35 6.67 10.31
N ARG B 54 -6.16 5.68 9.45
CA ARG B 54 -6.82 5.61 8.14
C ARG B 54 -8.29 5.20 8.18
N TYR B 55 -9.06 5.77 7.24
CA TYR B 55 -10.42 5.32 6.95
C TYR B 55 -10.40 3.99 6.23
N SER B 56 -11.54 3.29 6.27
CA SER B 56 -11.64 1.99 5.63
C SER B 56 -11.44 2.12 4.13
N GLY B 57 -10.59 1.26 3.56
CA GLY B 57 -10.33 1.25 2.14
C GLY B 57 -9.14 2.08 1.71
N VAL B 58 -8.73 3.06 2.51
CA VAL B 58 -7.62 3.93 2.13
C VAL B 58 -6.33 3.13 2.15
N PRO B 59 -5.56 3.11 1.05
CA PRO B 59 -4.38 2.24 0.98
C PRO B 59 -3.38 2.50 2.09
N ASP B 60 -2.44 1.56 2.23
CA ASP B 60 -1.50 1.56 3.35
C ASP B 60 -0.49 2.69 3.25
N ARG B 61 -0.17 3.14 2.03
CA ARG B 61 0.91 4.11 1.84
C ARG B 61 0.54 5.51 2.32
N PHE B 62 -0.73 5.75 2.64
CA PHE B 62 -1.19 7.04 3.17
C PHE B 62 -1.12 6.98 4.69
N SER B 63 -0.17 7.71 5.27
CA SER B 63 0.04 7.68 6.72
C SER B 63 0.00 9.10 7.26
N GLY B 64 -0.82 9.29 8.30
CA GLY B 64 -0.91 10.57 8.98
C GLY B 64 -0.19 10.53 10.32
N SER B 65 0.20 11.70 10.80
CA SER B 65 1.00 11.77 12.03
C SER B 65 0.86 13.17 12.62
N GLY B 66 1.49 13.36 13.77
CA GLY B 66 1.54 14.64 14.45
C GLY B 66 0.55 14.72 15.59
N SER B 67 0.79 15.70 16.47
CA SER B 67 -0.14 16.02 17.55
C SER B 67 0.21 17.41 18.08
N GLY B 68 -0.78 18.04 18.70
CA GLY B 68 -0.58 19.39 19.18
C GLY B 68 -0.94 20.42 18.14
N THR B 69 0.07 20.97 17.47
CA THR B 69 -0.13 21.94 16.42
C THR B 69 0.49 21.53 15.08
N ASP B 70 1.36 20.53 15.07
CA ASP B 70 2.08 20.11 13.88
C ASP B 70 1.58 18.74 13.43
N PHE B 71 1.08 18.68 12.20
CA PHE B 71 0.52 17.47 11.62
C PHE B 71 1.08 17.26 10.23
N THR B 72 1.21 16.00 9.83
CA THR B 72 1.88 15.67 8.57
C THR B 72 1.20 14.46 7.93
N LEU B 73 0.89 14.58 6.64
CA LEU B 73 0.46 13.45 5.83
C LEU B 73 1.64 12.99 4.99
N THR B 74 1.90 11.69 5.00
CA THR B 74 2.99 11.10 4.22
C THR B 74 2.43 10.09 3.23
N ILE B 75 2.78 10.26 1.97
CA ILE B 75 2.37 9.35 0.90
C ILE B 75 3.63 8.69 0.34
N SER B 76 3.76 7.40 0.60
CA SER B 76 4.90 6.59 0.16
C SER B 76 4.54 5.86 -1.13
N SER B 77 5.58 5.45 -1.87
CA SER B 77 5.44 4.73 -3.13
C SER B 77 4.42 5.41 -4.03
N LEU B 78 4.74 6.66 -4.39
CA LEU B 78 3.75 7.50 -5.05
C LEU B 78 3.33 6.88 -6.38
N GLN B 79 2.02 6.87 -6.60
CA GLN B 79 1.41 6.37 -7.82
C GLN B 79 0.94 7.54 -8.68
N ALA B 80 0.82 7.27 -9.98
CA ALA B 80 0.26 8.25 -10.90
C ALA B 80 -1.10 8.72 -10.41
N GLU B 81 -1.94 7.79 -9.90
CA GLU B 81 -3.29 8.14 -9.46
C GLU B 81 -3.33 9.01 -8.24
N ASP B 82 -2.18 9.32 -7.68
CA ASP B 82 -2.18 10.14 -6.49
C ASP B 82 -2.24 11.62 -6.81
N VAL B 83 -2.33 12.01 -8.09
CA VAL B 83 -2.46 13.43 -8.40
C VAL B 83 -3.76 13.95 -7.80
N ALA B 84 -3.65 14.99 -6.98
CA ALA B 84 -4.82 15.58 -6.33
C ALA B 84 -4.37 16.80 -5.56
N VAL B 85 -5.37 17.52 -5.05
CA VAL B 85 -5.17 18.51 -4.00
C VAL B 85 -5.45 17.83 -2.67
N TYR B 86 -4.52 17.96 -1.74
CA TYR B 86 -4.65 17.39 -0.41
C TYR B 86 -4.78 18.51 0.60
N PHE B 87 -5.74 18.38 1.53
CA PHE B 87 -5.99 19.43 2.51
C PHE B 87 -6.39 18.81 3.84
N CYS B 88 -6.22 19.60 4.90
CA CYS B 88 -6.51 19.19 6.26
C CYS B 88 -7.78 19.87 6.76
N GLN B 89 -8.36 19.29 7.81
CA GLN B 89 -9.45 19.91 8.54
C GLN B 89 -9.22 19.72 10.03
N GLN B 90 -9.53 20.75 10.81
CA GLN B 90 -9.60 20.62 12.25
C GLN B 90 -11.06 20.55 12.68
N TYR B 91 -11.35 19.65 13.61
CA TYR B 91 -12.66 19.58 14.25
C TYR B 91 -12.52 19.69 15.77
N TYR B 92 -11.50 20.42 16.22
CA TYR B 92 -11.28 20.64 17.65
C TYR B 92 -12.24 21.68 18.21
N GLY B 93 -12.65 22.66 17.40
CA GLY B 93 -13.56 23.68 17.84
C GLY B 93 -14.26 24.33 16.67
N TYR B 94 -15.28 25.12 16.98
CA TYR B 94 -16.09 25.72 15.93
C TYR B 94 -15.72 27.18 15.72
N PRO B 95 -15.73 27.67 14.47
CA PRO B 95 -16.09 26.89 13.28
C PRO B 95 -14.99 25.95 12.83
N PHE B 96 -15.37 24.82 12.24
CA PHE B 96 -14.39 23.96 11.60
C PHE B 96 -13.67 24.74 10.51
N THR B 97 -12.37 24.46 10.33
CA THR B 97 -11.59 25.15 9.33
C THR B 97 -10.72 24.16 8.59
N PHE B 98 -10.34 24.54 7.38
CA PHE B 98 -9.55 23.70 6.49
C PHE B 98 -8.25 24.40 6.14
N GLY B 99 -7.18 23.62 5.95
CA GLY B 99 -6.03 24.15 5.25
C GLY B 99 -6.39 24.50 3.82
N GLN B 100 -5.64 25.44 3.23
CA GLN B 100 -5.95 25.85 1.85
C GLN B 100 -5.52 24.84 0.81
N GLY B 101 -4.86 23.76 1.19
CA GLY B 101 -4.63 22.70 0.23
C GLY B 101 -3.22 22.71 -0.35
N THR B 102 -2.75 21.51 -0.70
CA THR B 102 -1.46 21.30 -1.33
C THR B 102 -1.68 20.54 -2.63
N LYS B 103 -1.24 21.10 -3.74
CA LYS B 103 -1.40 20.47 -5.06
C LYS B 103 -0.19 19.58 -5.34
N LEU B 104 -0.45 18.26 -5.42
CA LEU B 104 0.61 17.29 -5.67
C LEU B 104 0.71 17.01 -7.17
N GLU B 105 1.89 17.27 -7.73
CA GLU B 105 2.22 16.98 -9.13
C GLU B 105 3.16 15.79 -9.21
N ILE B 106 2.98 14.95 -10.23
CA ILE B 106 3.92 13.86 -10.46
C ILE B 106 5.00 14.33 -11.42
N LYS B 107 6.25 14.11 -11.06
CA LYS B 107 7.38 14.22 -11.98
C LYS B 107 7.63 12.90 -12.69
N ARG B 108 7.93 12.99 -13.98
CA ARG B 108 8.17 11.83 -14.83
C ARG B 108 9.12 12.23 -15.94
N THR B 109 9.40 11.29 -16.84
CA THR B 109 10.30 11.60 -17.93
C THR B 109 9.62 12.52 -18.95
N VAL B 110 10.46 13.21 -19.73
CA VAL B 110 9.95 14.15 -20.72
C VAL B 110 9.16 13.41 -21.77
N ALA B 111 8.08 14.04 -22.23
CA ALA B 111 7.25 13.51 -23.31
C ALA B 111 6.90 14.64 -24.26
N ALA B 112 7.28 14.50 -25.53
CA ALA B 112 6.97 15.55 -26.48
C ALA B 112 5.47 15.54 -26.78
N PRO B 113 4.90 16.71 -27.05
CA PRO B 113 3.49 16.75 -27.45
C PRO B 113 3.30 16.30 -28.89
N SER B 114 2.14 15.72 -29.16
CA SER B 114 1.61 15.60 -30.50
C SER B 114 0.78 16.85 -30.80
N VAL B 115 0.99 17.45 -31.97
CA VAL B 115 0.43 18.76 -32.29
C VAL B 115 -0.56 18.62 -33.43
N PHE B 116 -1.71 19.27 -33.28
CA PHE B 116 -2.75 19.26 -34.30
C PHE B 116 -3.30 20.67 -34.44
N ILE B 117 -3.67 21.05 -35.66
CA ILE B 117 -4.27 22.35 -35.93
C ILE B 117 -5.64 22.13 -36.56
N PHE B 118 -6.60 22.97 -36.17
CA PHE B 118 -7.97 22.88 -36.66
C PHE B 118 -8.37 24.20 -37.30
N PRO B 119 -8.79 24.21 -38.57
CA PRO B 119 -9.32 25.43 -39.16
C PRO B 119 -10.69 25.78 -38.58
N PRO B 120 -11.15 27.00 -38.78
CA PRO B 120 -12.52 27.35 -38.36
C PRO B 120 -13.55 26.67 -39.26
N SER B 121 -14.73 26.45 -38.69
CA SER B 121 -15.78 25.76 -39.43
C SER B 121 -16.53 26.73 -40.34
N ASP B 122 -17.04 26.19 -41.45
CA ASP B 122 -17.85 27.01 -42.34
C ASP B 122 -19.06 27.60 -41.62
N GLU B 123 -19.66 26.85 -40.69
CA GLU B 123 -20.79 27.36 -39.93
C GLU B 123 -20.40 28.57 -39.08
N GLN B 124 -19.28 28.48 -38.36
CA GLN B 124 -18.87 29.61 -37.53
C GLN B 124 -18.50 30.81 -38.39
N LEU B 125 -17.92 30.57 -39.57
CA LEU B 125 -17.56 31.66 -40.44
C LEU B 125 -18.78 32.45 -40.89
N LYS B 126 -19.90 31.75 -41.13
CA LYS B 126 -21.13 32.45 -41.49
C LYS B 126 -21.55 33.46 -40.42
N SER B 127 -21.13 33.24 -39.17
CA SER B 127 -21.52 34.14 -38.07
C SER B 127 -20.57 35.31 -37.90
N GLY B 128 -19.50 35.41 -38.71
CA GLY B 128 -18.63 36.56 -38.71
C GLY B 128 -17.36 36.41 -37.90
N THR B 129 -17.11 35.25 -37.29
CA THR B 129 -15.92 35.04 -36.48
C THR B 129 -15.23 33.75 -36.91
N ALA B 130 -13.91 33.75 -36.82
CA ALA B 130 -13.09 32.58 -37.10
C ALA B 130 -12.28 32.22 -35.86
N SER B 131 -12.42 30.97 -35.43
CA SER B 131 -11.63 30.44 -34.31
C SER B 131 -10.69 29.36 -34.85
N VAL B 132 -9.39 29.58 -34.69
CA VAL B 132 -8.37 28.62 -35.09
C VAL B 132 -7.80 28.00 -33.83
N VAL B 133 -7.83 26.68 -33.75
CA VAL B 133 -7.45 25.96 -32.54
C VAL B 133 -6.20 25.13 -32.82
N CYS B 134 -5.29 25.12 -31.86
CA CYS B 134 -4.08 24.31 -31.89
C CYS B 134 -4.06 23.43 -30.64
N LEU B 135 -3.82 22.14 -30.83
CA LEU B 135 -3.87 21.17 -29.75
C LEU B 135 -2.47 20.61 -29.47
N LEU B 136 -2.08 20.62 -28.20
CA LEU B 136 -0.84 19.99 -27.73
C LEU B 136 -1.24 18.85 -26.81
N ASN B 137 -0.96 17.62 -27.23
CA ASN B 137 -1.52 16.43 -26.61
C ASN B 137 -0.47 15.64 -25.85
N ASN B 138 -0.74 15.38 -24.56
CA ASN B 138 -0.04 14.38 -23.76
C ASN B 138 1.47 14.64 -23.71
N PHE B 139 1.84 15.78 -23.14
CA PHE B 139 3.23 16.18 -23.01
C PHE B 139 3.58 16.43 -21.54
N TYR B 140 4.88 16.36 -21.24
CA TYR B 140 5.45 16.64 -19.93
C TYR B 140 6.87 17.16 -20.13
N PRO B 141 7.29 18.20 -19.40
CA PRO B 141 6.58 18.94 -18.34
C PRO B 141 5.54 19.92 -18.87
N ARG B 142 4.91 20.67 -17.95
CA ARG B 142 3.83 21.56 -18.36
C ARG B 142 4.32 22.71 -19.23
N GLU B 143 5.55 23.17 -19.03
CA GLU B 143 6.00 24.37 -19.75
C GLU B 143 6.00 24.11 -21.25
N ALA B 144 5.32 24.98 -21.98
CA ALA B 144 5.21 24.86 -23.42
C ALA B 144 4.94 26.24 -24.01
N LYS B 145 5.46 26.47 -25.21
CA LYS B 145 5.31 27.75 -25.88
C LYS B 145 4.52 27.55 -27.17
N VAL B 146 3.39 28.25 -27.28
CA VAL B 146 2.59 28.27 -28.50
C VAL B 146 2.71 29.65 -29.13
N GLN B 147 3.12 29.69 -30.39
CA GLN B 147 3.24 30.94 -31.14
C GLN B 147 2.42 30.82 -32.42
N TRP B 148 1.45 31.72 -32.59
CA TRP B 148 0.63 31.74 -33.79
C TRP B 148 1.28 32.61 -34.85
N LYS B 149 1.32 32.11 -36.09
CA LYS B 149 1.83 32.85 -37.23
C LYS B 149 0.77 32.90 -38.30
N VAL B 150 0.59 34.07 -38.92
CA VAL B 150 -0.40 34.30 -39.96
C VAL B 150 0.31 35.03 -41.10
N ASP B 151 0.49 34.35 -42.23
CA ASP B 151 1.34 34.82 -43.31
C ASP B 151 2.69 35.29 -42.78
N ASN B 152 3.29 34.46 -41.92
CA ASN B 152 4.60 34.65 -41.29
C ASN B 152 4.62 35.82 -40.32
N ALA B 153 3.48 36.39 -39.96
CA ALA B 153 3.42 37.47 -39.00
C ALA B 153 3.16 36.91 -37.61
N LEU B 154 4.02 37.24 -36.66
CA LEU B 154 3.88 36.75 -35.29
C LEU B 154 2.66 37.40 -34.63
N GLN B 155 1.78 36.56 -34.09
CA GLN B 155 0.52 37.01 -33.52
C GLN B 155 0.67 37.32 -32.03
N SER B 156 -0.06 38.33 -31.58
CA SER B 156 0.01 38.78 -30.20
C SER B 156 -1.33 39.37 -29.79
N GLY B 157 -1.77 39.04 -28.58
CA GLY B 157 -2.95 39.61 -28.00
C GLY B 157 -4.28 39.05 -28.49
N ASN B 158 -4.26 38.13 -29.46
CA ASN B 158 -5.49 37.61 -30.05
C ASN B 158 -5.65 36.11 -29.84
N SER B 159 -5.04 35.57 -28.79
CA SER B 159 -5.12 34.13 -28.53
C SER B 159 -5.26 33.88 -27.04
N GLN B 160 -5.92 32.77 -26.71
CA GLN B 160 -6.08 32.33 -25.34
C GLN B 160 -5.86 30.83 -25.27
N GLU B 161 -5.31 30.37 -24.14
CA GLU B 161 -5.02 28.95 -23.97
C GLU B 161 -5.43 28.50 -22.58
N SER B 162 -5.71 27.19 -22.46
CA SER B 162 -5.97 26.55 -21.19
C SER B 162 -5.32 25.17 -21.20
N VAL B 163 -5.09 24.64 -20.00
CA VAL B 163 -4.33 23.40 -19.84
C VAL B 163 -5.11 22.47 -18.92
N THR B 164 -5.15 21.19 -19.28
CA THR B 164 -5.82 20.20 -18.46
C THR B 164 -4.99 19.91 -17.21
N GLU B 165 -5.68 19.46 -16.16
CA GLU B 165 -4.98 18.93 -15.00
C GLU B 165 -4.19 17.69 -15.39
N GLN B 166 -3.12 17.42 -14.65
CA GLN B 166 -2.24 16.31 -14.97
C GLN B 166 -3.03 15.00 -15.02
N ASP B 167 -2.79 14.21 -16.05
CA ASP B 167 -3.55 12.98 -16.25
C ASP B 167 -3.20 11.96 -15.16
N SER B 168 -4.23 11.30 -14.63
CA SER B 168 -3.99 10.38 -13.53
C SER B 168 -3.41 9.05 -13.97
N LYS B 169 -3.33 8.75 -15.26
CA LYS B 169 -2.70 7.52 -15.72
C LYS B 169 -1.27 7.72 -16.21
N ASP B 170 -1.06 8.60 -17.19
CA ASP B 170 0.26 8.80 -17.76
C ASP B 170 0.97 10.06 -17.29
N SER B 171 0.35 10.84 -16.39
CA SER B 171 1.00 11.98 -15.74
C SER B 171 1.43 13.04 -16.76
N THR B 172 0.64 13.22 -17.82
CA THR B 172 0.92 14.23 -18.83
C THR B 172 -0.10 15.35 -18.77
N TYR B 173 0.22 16.44 -19.46
CA TYR B 173 -0.67 17.56 -19.66
C TYR B 173 -1.08 17.65 -21.11
N SER B 174 -2.20 18.33 -21.35
CA SER B 174 -2.62 18.70 -22.70
C SER B 174 -2.93 20.20 -22.71
N LEU B 175 -2.80 20.81 -23.88
CA LEU B 175 -2.94 22.25 -24.00
C LEU B 175 -3.73 22.59 -25.25
N SER B 176 -4.61 23.57 -25.12
CA SER B 176 -5.44 24.04 -26.24
C SER B 176 -5.27 25.55 -26.35
N SER B 177 -4.87 26.02 -27.53
CA SER B 177 -4.72 27.43 -27.82
C SER B 177 -5.66 27.83 -28.94
N THR B 178 -6.44 28.88 -28.73
CA THR B 178 -7.42 29.36 -29.70
C THR B 178 -7.03 30.74 -30.20
N LEU B 179 -6.86 30.87 -31.50
CA LEU B 179 -6.67 32.16 -32.16
C LEU B 179 -8.02 32.62 -32.69
N THR B 180 -8.44 33.82 -32.30
CA THR B 180 -9.76 34.34 -32.64
C THR B 180 -9.61 35.59 -33.49
N LEU B 181 -10.21 35.55 -34.68
CA LEU B 181 -10.17 36.67 -35.62
C LEU B 181 -11.58 36.97 -36.10
N SER B 182 -11.81 38.21 -36.49
CA SER B 182 -13.00 38.54 -37.26
C SER B 182 -12.98 37.78 -38.57
N LYS B 183 -14.16 37.55 -39.14
CA LYS B 183 -14.24 36.99 -40.48
C LYS B 183 -13.42 37.81 -41.45
N ALA B 184 -13.51 39.14 -41.36
CA ALA B 184 -12.80 40.03 -42.27
C ALA B 184 -11.29 39.83 -42.16
N ASP B 185 -10.75 39.88 -40.94
CA ASP B 185 -9.33 39.63 -40.75
C ASP B 185 -8.92 38.25 -41.25
N TYR B 186 -9.76 37.25 -41.00
CA TYR B 186 -9.45 35.88 -41.42
C TYR B 186 -9.33 35.80 -42.95
N GLU B 187 -10.30 36.35 -43.68
CA GLU B 187 -10.30 36.23 -45.12
C GLU B 187 -9.14 36.97 -45.78
N LYS B 188 -8.44 37.83 -45.06
CA LYS B 188 -7.35 38.63 -45.63
C LYS B 188 -5.99 37.96 -45.53
N HIS B 189 -5.92 36.70 -45.13
CA HIS B 189 -4.64 36.01 -45.04
C HIS B 189 -4.80 34.56 -45.52
N LYS B 190 -3.68 33.90 -45.75
CA LYS B 190 -3.69 32.54 -46.30
C LYS B 190 -3.13 31.48 -45.36
N VAL B 191 -1.93 31.69 -44.82
CA VAL B 191 -1.22 30.64 -44.08
C VAL B 191 -1.45 30.86 -42.59
N TYR B 192 -2.11 29.89 -41.95
CA TYR B 192 -2.33 29.89 -40.50
C TYR B 192 -1.50 28.79 -39.86
N ALA B 193 -0.56 29.16 -39.00
CA ALA B 193 0.43 28.23 -38.49
C ALA B 193 0.52 28.32 -36.97
N CYS B 194 0.73 27.17 -36.33
CA CYS B 194 0.92 27.06 -34.90
C CYS B 194 2.30 26.46 -34.65
N GLU B 195 3.17 27.20 -33.98
CA GLU B 195 4.55 26.79 -33.72
C GLU B 195 4.70 26.45 -32.24
N VAL B 196 5.09 25.21 -31.95
CA VAL B 196 5.16 24.70 -30.59
C VAL B 196 6.62 24.50 -30.20
N THR B 197 7.01 25.04 -29.05
CA THR B 197 8.32 24.81 -28.46
C THR B 197 8.14 24.05 -27.15
N HIS B 198 8.82 22.93 -27.02
CA HIS B 198 8.72 22.09 -25.83
C HIS B 198 10.06 21.39 -25.59
N GLN B 199 10.39 21.19 -24.31
CA GLN B 199 11.66 20.57 -23.95
C GLN B 199 11.79 19.16 -24.52
N GLY B 200 10.69 18.52 -24.88
CA GLY B 200 10.74 17.23 -25.54
C GLY B 200 10.97 17.26 -27.03
N LEU B 201 10.92 18.44 -27.65
CA LEU B 201 11.12 18.59 -29.09
C LEU B 201 12.52 19.14 -29.35
N SER B 202 13.26 18.48 -30.25
CA SER B 202 14.61 18.92 -30.54
C SER B 202 14.64 20.31 -31.17
N SER B 203 13.61 20.64 -31.94
CA SER B 203 13.41 21.96 -32.50
C SER B 203 11.92 22.23 -32.53
N PRO B 204 11.51 23.50 -32.64
CA PRO B 204 10.06 23.77 -32.73
C PRO B 204 9.43 23.04 -33.90
N VAL B 205 8.21 22.57 -33.70
CA VAL B 205 7.40 21.93 -34.73
C VAL B 205 6.27 22.86 -35.10
N THR B 206 5.93 22.89 -36.39
CA THR B 206 4.90 23.79 -36.90
C THR B 206 3.85 22.97 -37.64
N LYS B 207 2.59 23.13 -37.23
CA LYS B 207 1.45 22.63 -37.98
C LYS B 207 0.70 23.81 -38.58
N SER B 208 0.26 23.66 -39.82
CA SER B 208 -0.36 24.77 -40.52
C SER B 208 -1.34 24.28 -41.56
N PHE B 209 -2.12 25.22 -42.09
CA PHE B 209 -3.00 24.97 -43.22
C PHE B 209 -3.12 26.27 -44.01
N ASN B 210 -3.77 26.18 -45.16
CA ASN B 210 -4.05 27.33 -46.00
C ASN B 210 -5.55 27.50 -46.14
N ARG B 211 -6.06 28.69 -45.79
CA ARG B 211 -7.46 28.98 -45.99
C ARG B 211 -7.84 28.75 -47.44
N GLY B 212 -8.73 27.79 -47.68
CA GLY B 212 -9.07 27.38 -49.02
C GLY B 212 -8.07 26.38 -49.59
N PHE C 19 -9.09 21.73 25.91
CA PHE C 19 -10.40 22.24 26.29
C PHE C 19 -11.27 21.14 26.86
N THR C 20 -11.64 21.27 28.14
CA THR C 20 -12.45 20.27 28.84
C THR C 20 -13.61 20.96 29.54
N VAL C 21 -14.83 20.61 29.18
CA VAL C 21 -16.01 21.05 29.92
C VAL C 21 -16.23 20.10 31.09
N THR C 22 -16.60 20.67 32.23
CA THR C 22 -16.73 19.90 33.45
C THR C 22 -18.15 20.04 33.99
N VAL C 23 -18.66 18.94 34.53
CA VAL C 23 -19.95 18.92 35.22
C VAL C 23 -19.68 18.63 36.69
N PRO C 24 -20.18 19.46 37.62
CA PRO C 24 -19.99 19.13 39.03
C PRO C 24 -20.75 17.90 39.50
N LYS C 25 -21.91 17.60 38.91
CA LYS C 25 -22.74 16.46 39.27
C LYS C 25 -23.00 15.57 38.06
N ASP C 26 -22.82 14.26 38.25
CA ASP C 26 -23.03 13.26 37.22
C ASP C 26 -24.52 12.94 37.04
N LEU C 27 -25.34 13.24 38.05
CA LEU C 27 -26.68 12.71 38.16
C LEU C 27 -27.48 13.61 39.09
N TYR C 28 -28.64 14.08 38.58
CA TYR C 28 -29.64 14.79 39.35
C TYR C 28 -30.83 13.88 39.60
N VAL C 29 -31.33 13.88 40.83
CA VAL C 29 -32.62 13.28 41.20
C VAL C 29 -33.52 14.39 41.72
N VAL C 30 -34.63 14.61 41.02
CA VAL C 30 -35.47 15.78 41.22
C VAL C 30 -36.88 15.32 41.58
N GLU C 31 -37.62 16.21 42.25
CA GLU C 31 -39.00 15.94 42.63
C GLU C 31 -39.95 16.52 41.59
N TYR C 32 -41.04 15.79 41.35
CA TYR C 32 -42.04 16.17 40.35
C TYR C 32 -42.64 17.54 40.66
N GLY C 33 -42.65 18.41 39.65
CA GLY C 33 -43.16 19.75 39.83
C GLY C 33 -42.16 20.76 40.37
N SER C 34 -40.92 20.34 40.64
CA SER C 34 -39.94 21.26 41.17
C SER C 34 -39.31 22.08 40.04
N ASN C 35 -38.38 22.94 40.41
CA ASN C 35 -37.50 23.64 39.49
C ASN C 35 -36.06 23.18 39.72
N MET C 36 -35.32 22.98 38.64
CA MET C 36 -33.96 22.48 38.72
C MET C 36 -33.02 23.31 37.85
N THR C 37 -31.74 23.24 38.18
CA THR C 37 -30.70 24.00 37.46
C THR C 37 -29.45 23.12 37.38
N ILE C 38 -29.15 22.65 36.18
CA ILE C 38 -28.02 21.76 35.94
C ILE C 38 -26.85 22.58 35.43
N GLU C 39 -25.64 22.22 35.84
CA GLU C 39 -24.48 23.08 35.66
C GLU C 39 -23.50 22.52 34.63
N CYS C 40 -22.92 23.44 33.85
CA CYS C 40 -21.79 23.15 32.97
C CYS C 40 -20.72 24.19 33.19
N LYS C 41 -19.53 23.75 33.58
CA LYS C 41 -18.39 24.66 33.66
C LYS C 41 -17.56 24.53 32.40
N PHE C 42 -17.06 25.67 31.92
CA PHE C 42 -16.08 25.71 30.84
C PHE C 42 -15.09 26.82 31.18
N PRO C 43 -13.80 26.60 30.91
CA PRO C 43 -12.79 27.60 31.30
C PRO C 43 -12.93 28.89 30.52
N VAL C 44 -12.93 30.00 31.25
CA VAL C 44 -12.84 31.31 30.63
C VAL C 44 -11.55 31.93 31.13
N GLU C 45 -10.94 32.76 30.31
CA GLU C 45 -9.79 33.49 30.78
C GLU C 45 -10.10 34.96 30.61
N LYS C 46 -10.54 35.42 31.73
CA LYS C 46 -10.61 36.74 32.30
C LYS C 46 -11.62 37.70 31.77
N GLN C 47 -12.28 37.41 30.68
CA GLN C 47 -13.41 38.24 30.27
C GLN C 47 -14.02 37.34 29.23
N LEU C 48 -15.31 37.10 29.32
CA LEU C 48 -15.89 36.24 28.32
C LEU C 48 -15.87 36.97 26.98
N ASP C 49 -15.40 36.27 25.95
CA ASP C 49 -15.55 36.74 24.57
C ASP C 49 -16.83 36.10 24.04
N LEU C 50 -17.93 36.86 24.13
CA LEU C 50 -19.24 36.32 23.82
C LEU C 50 -19.34 35.85 22.37
N ALA C 51 -18.73 36.57 21.44
CA ALA C 51 -18.84 36.23 20.02
C ALA C 51 -18.20 34.87 19.72
N ALA C 52 -17.29 34.41 20.57
CA ALA C 52 -16.65 33.11 20.39
C ALA C 52 -17.37 31.98 21.11
N LEU C 53 -18.40 32.28 21.91
CA LEU C 53 -19.07 31.27 22.72
C LEU C 53 -20.21 30.61 21.94
N ILE C 54 -20.23 29.28 21.95
CA ILE C 54 -21.30 28.48 21.37
C ILE C 54 -21.76 27.47 22.42
N VAL C 55 -23.06 27.43 22.71
CA VAL C 55 -23.61 26.55 23.72
C VAL C 55 -24.90 25.90 23.21
N TYR C 56 -24.97 24.58 23.28
CA TYR C 56 -26.21 23.84 23.03
C TYR C 56 -26.55 22.99 24.25
N TRP C 57 -27.82 23.03 24.66
CA TRP C 57 -28.39 22.08 25.60
C TRP C 57 -29.43 21.24 24.86
N GLU C 58 -29.27 19.92 24.91
CA GLU C 58 -30.13 19.02 24.15
C GLU C 58 -30.33 17.73 24.93
N MET C 59 -31.32 16.96 24.49
CA MET C 59 -31.30 15.55 24.89
C MET C 59 -31.99 14.71 23.81
N GLU C 60 -31.15 14.13 22.96
CA GLU C 60 -31.12 12.85 22.26
C GLU C 60 -32.08 12.64 21.10
N ASP C 61 -33.04 13.55 20.82
CA ASP C 61 -33.18 14.20 19.52
C ASP C 61 -33.57 15.67 19.64
N LYS C 62 -33.63 16.25 20.84
CA LYS C 62 -34.39 17.47 21.07
C LYS C 62 -33.49 18.62 21.49
N ASN C 63 -33.72 19.80 20.89
CA ASN C 63 -32.95 20.98 21.23
C ASN C 63 -33.66 21.73 22.34
N ILE C 64 -32.93 22.01 23.42
CA ILE C 64 -33.42 22.80 24.54
C ILE C 64 -32.95 24.24 24.46
N ILE C 65 -31.65 24.44 24.26
CA ILE C 65 -31.07 25.76 24.07
C ILE C 65 -30.16 25.74 22.85
N GLN C 66 -30.22 26.82 22.07
CA GLN C 66 -29.28 27.05 20.97
C GLN C 66 -28.68 28.42 21.16
N PHE C 67 -27.37 28.48 21.41
CA PHE C 67 -26.66 29.72 21.67
C PHE C 67 -25.36 29.65 20.88
N VAL C 68 -25.31 30.38 19.77
CA VAL C 68 -24.21 30.29 18.82
C VAL C 68 -23.65 31.69 18.61
N HIS C 69 -22.34 31.84 18.88
CA HIS C 69 -21.61 33.07 18.63
C HIS C 69 -22.31 34.28 19.26
N GLY C 70 -22.78 34.10 20.50
CA GLY C 70 -23.22 35.18 21.33
C GLY C 70 -24.71 35.49 21.31
N GLU C 71 -25.45 34.98 20.33
CA GLU C 71 -26.89 35.21 20.26
C GLU C 71 -27.64 33.89 20.32
N GLU C 72 -28.77 33.89 21.04
CA GLU C 72 -29.63 32.72 21.10
C GLU C 72 -30.62 32.68 19.94
N ASP C 73 -31.13 31.48 19.67
CA ASP C 73 -32.21 31.26 18.70
C ASP C 73 -33.10 30.15 19.26
N LEU C 74 -34.22 30.55 19.88
CA LEU C 74 -35.18 29.64 20.48
C LEU C 74 -36.14 29.02 19.48
N LYS C 75 -36.27 29.60 18.27
CA LYS C 75 -37.07 28.97 17.23
C LYS C 75 -36.66 27.51 17.00
N VAL C 76 -35.45 27.16 17.43
CA VAL C 76 -34.95 25.80 17.32
C VAL C 76 -35.39 24.91 18.49
N GLN C 77 -35.86 25.50 19.57
CA GLN C 77 -36.17 24.75 20.79
C GLN C 77 -37.34 23.80 20.56
N HIS C 78 -37.27 22.62 21.19
CA HIS C 78 -38.29 21.60 21.05
C HIS C 78 -39.54 21.93 21.87
N SER C 79 -40.66 21.31 21.48
CA SER C 79 -41.96 21.58 22.11
C SER C 79 -41.96 21.26 23.61
N SER C 80 -41.30 20.17 24.01
CA SER C 80 -41.35 19.69 25.39
C SER C 80 -40.97 20.78 26.39
N TYR C 81 -40.02 21.62 26.02
CA TYR C 81 -39.36 22.55 26.90
C TYR C 81 -39.76 23.99 26.62
N ARG C 82 -40.94 24.21 26.03
CA ARG C 82 -41.25 25.54 25.53
C ARG C 82 -41.59 26.41 26.72
N GLN C 83 -40.86 27.52 26.86
CA GLN C 83 -41.06 28.58 27.84
C GLN C 83 -40.68 28.08 29.22
N ARG C 84 -40.21 26.84 29.33
CA ARG C 84 -40.00 26.14 30.59
C ARG C 84 -38.53 26.08 30.93
N ALA C 85 -37.70 25.91 29.91
CA ALA C 85 -36.27 25.75 30.08
C ALA C 85 -35.57 26.93 29.42
N ARG C 86 -34.61 27.51 30.13
CA ARG C 86 -33.90 28.67 29.61
C ARG C 86 -32.49 28.67 30.18
N LEU C 87 -31.59 29.30 29.44
CA LEU C 87 -30.22 29.53 29.88
C LEU C 87 -30.13 30.87 30.60
N LEU C 88 -29.24 30.92 31.59
CA LEU C 88 -29.04 32.10 32.44
C LEU C 88 -27.76 32.86 32.09
N LYS C 89 -27.93 34.05 31.48
CA LYS C 89 -26.91 34.70 30.64
C LYS C 89 -25.82 35.42 31.41
N ASP C 90 -26.17 36.02 32.55
CA ASP C 90 -25.14 36.74 33.29
C ASP C 90 -24.10 35.77 33.81
N GLN C 91 -24.52 34.55 34.09
CA GLN C 91 -23.62 33.52 34.61
C GLN C 91 -22.71 32.94 33.53
N LEU C 92 -22.96 33.25 32.25
CA LEU C 92 -22.01 32.87 31.21
C LEU C 92 -20.65 33.53 31.44
N SER C 93 -20.64 34.71 32.03
CA SER C 93 -19.38 35.39 32.32
C SER C 93 -18.49 34.53 33.21
N LEU C 94 -19.07 33.79 34.13
CA LEU C 94 -18.32 33.02 35.12
C LEU C 94 -17.84 31.68 34.59
N GLY C 95 -17.94 31.43 33.29
CA GLY C 95 -17.64 30.10 32.77
C GLY C 95 -18.68 29.08 33.13
N ASN C 96 -19.91 29.52 33.43
CA ASN C 96 -20.99 28.66 33.91
C ASN C 96 -22.13 28.72 32.91
N ALA C 97 -22.44 27.57 32.30
CA ALA C 97 -23.61 27.43 31.43
C ALA C 97 -24.64 26.61 32.17
N ALA C 98 -25.65 27.27 32.73
CA ALA C 98 -26.67 26.62 33.56
C ALA C 98 -28.00 26.58 32.83
N LEU C 99 -28.57 25.39 32.73
CA LEU C 99 -29.90 25.18 32.17
C LEU C 99 -30.93 25.11 33.29
N GLN C 100 -32.05 25.79 33.12
CA GLN C 100 -33.02 26.02 34.18
C GLN C 100 -34.38 25.48 33.74
N ILE C 101 -34.73 24.30 34.26
CA ILE C 101 -35.95 23.58 33.89
C ILE C 101 -37.01 23.81 34.95
N THR C 102 -38.12 24.40 34.56
CA THR C 102 -39.20 24.68 35.50
C THR C 102 -40.24 23.57 35.45
N ASP C 103 -40.81 23.29 36.62
CA ASP C 103 -41.97 22.39 36.75
C ASP C 103 -41.68 21.01 36.18
N VAL C 104 -40.69 20.34 36.78
CA VAL C 104 -40.21 19.08 36.22
C VAL C 104 -41.33 18.03 36.22
N LYS C 105 -41.30 17.17 35.20
CA LYS C 105 -42.21 16.04 35.10
C LYS C 105 -41.44 14.80 34.63
N LEU C 106 -42.14 13.66 34.60
CA LEU C 106 -41.51 12.37 34.26
C LEU C 106 -41.05 12.32 32.80
N GLN C 107 -41.53 13.21 31.93
CA GLN C 107 -41.04 13.19 30.56
C GLN C 107 -39.67 13.84 30.45
N ASP C 108 -39.37 14.79 31.35
CA ASP C 108 -38.05 15.41 31.37
C ASP C 108 -36.94 14.46 31.78
N ALA C 109 -37.27 13.28 32.31
CA ALA C 109 -36.25 12.31 32.67
C ALA C 109 -35.53 11.78 31.44
N GLY C 110 -34.24 11.57 31.56
CA GLY C 110 -33.44 11.20 30.40
C GLY C 110 -32.06 11.82 30.47
N VAL C 111 -31.23 11.40 29.51
CA VAL C 111 -29.84 11.85 29.45
C VAL C 111 -29.82 13.23 28.81
N TYR C 112 -29.23 14.19 29.52
CA TYR C 112 -29.06 15.52 28.95
C TYR C 112 -27.62 15.70 28.51
N ARG C 113 -27.40 16.67 27.64
CA ARG C 113 -26.06 16.90 27.13
C ARG C 113 -25.82 18.38 26.89
N CYS C 114 -24.67 18.82 27.36
CA CYS C 114 -24.16 20.16 27.19
C CYS C 114 -23.13 20.13 26.08
N MET C 115 -23.20 21.10 25.17
CA MET C 115 -22.20 21.23 24.12
C MET C 115 -21.71 22.67 24.11
N ILE C 116 -20.42 22.87 24.33
CA ILE C 116 -19.84 24.21 24.44
C ILE C 116 -18.61 24.29 23.56
N SER C 117 -18.59 25.29 22.69
CA SER C 117 -17.40 25.63 21.91
C SER C 117 -16.97 27.04 22.29
N TYR C 118 -15.76 27.16 22.83
CA TYR C 118 -15.15 28.46 23.10
C TYR C 118 -13.66 28.26 22.88
N GLY C 119 -13.18 28.56 21.68
CA GLY C 119 -11.84 28.14 21.34
C GLY C 119 -11.94 26.71 20.85
N GLY C 120 -11.51 25.78 21.70
CA GLY C 120 -11.85 24.38 21.59
C GLY C 120 -13.27 24.10 22.04
N ALA C 121 -13.67 22.84 21.88
CA ALA C 121 -15.04 22.43 22.16
C ALA C 121 -15.06 21.06 22.83
N ASP C 122 -16.05 20.86 23.69
CA ASP C 122 -16.25 19.59 24.38
C ASP C 122 -17.72 19.44 24.72
N TYR C 123 -18.11 18.22 25.11
CA TYR C 123 -19.48 17.96 25.55
C TYR C 123 -19.47 17.03 26.75
N LYS C 124 -20.52 17.13 27.58
CA LYS C 124 -20.69 16.26 28.73
C LYS C 124 -22.16 15.85 28.84
N ARG C 125 -22.39 14.65 29.37
CA ARG C 125 -23.73 14.13 29.57
C ARG C 125 -24.09 14.13 31.06
N ILE C 126 -25.38 14.29 31.34
CA ILE C 126 -25.91 14.21 32.70
C ILE C 126 -27.25 13.49 32.69
N THR C 127 -27.38 12.47 33.54
CA THR C 127 -28.58 11.65 33.66
C THR C 127 -29.50 12.18 34.75
N VAL C 128 -30.79 12.22 34.46
CA VAL C 128 -31.78 12.87 35.31
C VAL C 128 -32.89 11.89 35.64
N LYS C 129 -33.25 11.82 36.93
CA LYS C 129 -34.35 11.00 37.40
C LYS C 129 -35.33 11.93 38.11
N VAL C 130 -36.63 11.69 37.94
CA VAL C 130 -37.69 12.55 38.44
C VAL C 130 -38.60 11.75 39.37
N ASN C 131 -38.69 12.17 40.63
CA ASN C 131 -39.49 11.48 41.64
C ASN C 131 -40.94 11.34 41.18
N ALA C 132 -41.54 10.21 41.53
CA ALA C 132 -42.99 10.11 41.42
C ALA C 132 -43.63 11.18 42.30
N PRO C 133 -44.85 11.61 41.98
CA PRO C 133 -45.58 12.49 42.90
C PRO C 133 -45.67 11.92 44.31
N TYR C 134 -45.84 12.81 45.29
CA TYR C 134 -45.78 12.46 46.72
C TYR C 134 -44.38 11.98 47.08
N GLY D 2 25.46 -9.59 -2.12
CA GLY D 2 25.35 -8.37 -1.33
C GLY D 2 25.01 -8.64 0.13
N GLN D 3 23.79 -8.28 0.53
CA GLN D 3 23.33 -8.51 1.89
C GLN D 3 21.82 -8.40 1.93
N LEU D 4 21.17 -9.41 2.50
CA LEU D 4 19.71 -9.45 2.58
C LEU D 4 19.28 -9.83 3.98
N GLN D 5 18.23 -9.17 4.47
CA GLN D 5 17.68 -9.43 5.80
C GLN D 5 16.17 -9.40 5.75
N GLU D 6 15.54 -10.53 6.06
CA GLU D 6 14.09 -10.59 6.11
C GLU D 6 13.61 -10.16 7.50
N SER D 7 12.40 -9.60 7.55
CA SER D 7 11.85 -9.14 8.82
C SER D 7 10.33 -9.16 8.75
N GLY D 8 9.71 -9.28 9.91
CA GLY D 8 8.27 -9.29 10.00
C GLY D 8 7.77 -10.25 11.06
N PRO D 9 6.44 -10.34 11.20
CA PRO D 9 5.86 -11.20 12.23
C PRO D 9 6.20 -12.67 12.01
N SER D 10 6.49 -13.35 13.12
CA SER D 10 6.73 -14.79 13.12
C SER D 10 5.46 -15.60 13.26
N LEU D 11 4.30 -14.95 13.41
CA LEU D 11 3.06 -15.65 13.68
C LEU D 11 1.91 -14.93 12.98
N VAL D 12 1.08 -15.71 12.30
CA VAL D 12 -0.04 -15.23 11.50
C VAL D 12 -1.23 -16.12 11.80
N LYS D 13 -2.37 -15.50 12.12
CA LYS D 13 -3.51 -16.36 12.46
C LYS D 13 -4.10 -16.95 11.18
N PRO D 14 -4.63 -18.18 11.25
CA PRO D 14 -5.17 -18.80 10.04
C PRO D 14 -6.18 -17.88 9.38
N SER D 15 -6.20 -17.92 8.05
CA SER D 15 -7.07 -17.13 7.17
C SER D 15 -6.65 -15.66 7.08
N GLN D 16 -5.64 -15.23 7.82
CA GLN D 16 -5.15 -13.86 7.77
C GLN D 16 -4.11 -13.71 6.66
N THR D 17 -3.44 -12.56 6.63
CA THR D 17 -2.45 -12.22 5.61
C THR D 17 -1.05 -12.18 6.19
N LEU D 18 -0.10 -12.82 5.51
CA LEU D 18 1.31 -12.82 5.88
C LEU D 18 2.02 -11.66 5.19
N SER D 19 2.66 -10.79 5.97
CA SER D 19 3.44 -9.68 5.44
C SER D 19 4.88 -9.78 5.90
N LEU D 20 5.81 -9.66 4.96
CA LEU D 20 7.24 -9.71 5.26
C LEU D 20 7.98 -8.63 4.48
N THR D 21 9.08 -8.16 5.06
CA THR D 21 9.98 -7.21 4.41
C THR D 21 11.38 -7.81 4.32
N CYS D 22 12.06 -7.58 3.21
CA CYS D 22 13.49 -7.83 3.08
C CYS D 22 14.20 -6.52 2.82
N THR D 23 15.22 -6.23 3.64
CA THR D 23 16.03 -5.03 3.48
C THR D 23 17.31 -5.41 2.75
N VAL D 24 17.63 -4.65 1.70
CA VAL D 24 18.69 -4.99 0.76
C VAL D 24 19.83 -4.01 0.94
N SER D 25 21.06 -4.52 0.90
CA SER D 25 22.24 -3.67 0.96
C SER D 25 23.35 -4.34 0.16
N GLY D 26 24.47 -3.63 0.05
CA GLY D 26 25.63 -4.12 -0.66
C GLY D 26 25.37 -4.36 -2.14
N ASP D 27 26.04 -5.38 -2.68
CA ASP D 27 25.95 -5.70 -4.10
C ASP D 27 24.52 -6.00 -4.54
N SER D 28 23.69 -6.47 -3.62
CA SER D 28 22.34 -6.88 -4.00
C SER D 28 21.43 -5.70 -4.35
N ILE D 29 21.80 -4.49 -3.92
CA ILE D 29 21.01 -3.31 -4.28
C ILE D 29 20.89 -3.19 -5.80
N THR D 30 21.95 -3.52 -6.53
CA THR D 30 21.97 -3.38 -7.97
C THR D 30 21.64 -4.67 -8.71
N ARG D 31 21.40 -5.77 -7.99
CA ARG D 31 20.95 -6.97 -8.65
C ARG D 31 19.55 -6.77 -9.22
N GLY D 32 19.33 -7.29 -10.43
CA GLY D 32 18.12 -6.94 -11.16
C GLY D 32 16.85 -7.60 -10.67
N TYR D 33 16.95 -8.74 -10.00
CA TYR D 33 15.76 -9.51 -9.63
C TYR D 33 15.80 -9.85 -8.15
N TRP D 34 14.76 -9.41 -7.43
CA TRP D 34 14.64 -9.60 -5.99
C TRP D 34 13.55 -10.66 -5.74
N ASN D 35 13.96 -11.82 -5.26
CA ASN D 35 13.11 -13.00 -5.20
C ASN D 35 12.59 -13.26 -3.79
N TRP D 36 11.49 -14.01 -3.74
CA TRP D 36 10.97 -14.61 -2.51
C TRP D 36 10.88 -16.11 -2.72
N ILE D 37 11.37 -16.88 -1.74
CA ILE D 37 11.32 -18.34 -1.78
C ILE D 37 10.97 -18.81 -0.37
N ARG D 38 10.30 -19.97 -0.28
CA ARG D 38 9.90 -20.50 1.02
C ARG D 38 10.16 -22.00 1.08
N LYS D 39 10.34 -22.48 2.30
CA LYS D 39 10.59 -23.89 2.58
C LYS D 39 9.58 -24.37 3.63
N HIS D 40 8.57 -25.12 3.19
CA HIS D 40 7.62 -25.70 4.14
C HIS D 40 8.23 -26.93 4.80
N PRO D 41 8.00 -27.14 6.09
CA PRO D 41 8.55 -28.32 6.77
C PRO D 41 8.16 -29.62 6.08
N GLY D 42 9.17 -30.37 5.64
CA GLY D 42 9.00 -31.65 4.99
C GLY D 42 8.89 -31.58 3.48
N LYS D 43 8.61 -30.41 2.91
CA LYS D 43 8.51 -30.23 1.47
C LYS D 43 9.71 -29.46 0.94
N GLY D 44 10.05 -29.72 -0.31
CA GLY D 44 11.14 -29.02 -0.95
C GLY D 44 10.85 -27.54 -1.13
N LEU D 45 11.91 -26.80 -1.47
CA LEU D 45 11.80 -25.36 -1.66
C LEU D 45 10.79 -25.04 -2.75
N GLU D 46 10.05 -23.95 -2.55
CA GLU D 46 9.03 -23.49 -3.49
C GLU D 46 9.31 -22.05 -3.87
N TYR D 47 9.44 -21.80 -5.17
CA TYR D 47 9.72 -20.47 -5.69
C TYR D 47 8.43 -19.64 -5.68
N ILE D 48 8.47 -18.47 -5.03
CA ILE D 48 7.29 -17.64 -4.89
C ILE D 48 7.19 -16.66 -6.04
N GLY D 49 8.24 -15.86 -6.25
CA GLY D 49 8.23 -14.89 -7.33
C GLY D 49 9.31 -13.84 -7.13
N TYR D 50 9.19 -12.76 -7.89
CA TYR D 50 10.17 -11.68 -7.82
C TYR D 50 9.50 -10.34 -8.11
N ILE D 51 10.23 -9.28 -7.77
CA ILE D 51 10.06 -7.95 -8.35
C ILE D 51 11.41 -7.55 -8.93
N SER D 52 11.39 -6.93 -10.11
CA SER D 52 12.63 -6.66 -10.83
C SER D 52 12.96 -5.18 -10.78
N TYR D 53 14.09 -4.83 -11.40
CA TYR D 53 14.56 -3.45 -11.42
C TYR D 53 13.63 -2.54 -12.22
N THR D 54 12.83 -3.09 -13.13
CA THR D 54 11.86 -2.31 -13.88
C THR D 54 10.56 -2.09 -13.12
N GLY D 55 10.41 -2.68 -11.94
CA GLY D 55 9.14 -2.70 -11.25
C GLY D 55 8.24 -3.87 -11.60
N SER D 56 8.56 -4.61 -12.66
CA SER D 56 7.76 -5.77 -13.03
C SER D 56 7.83 -6.83 -11.95
N THR D 57 6.82 -7.70 -11.91
CA THR D 57 6.74 -8.75 -10.91
C THR D 57 6.45 -10.08 -11.57
N TYR D 58 6.64 -11.14 -10.78
CA TYR D 58 6.21 -12.48 -11.12
C TYR D 58 5.78 -13.18 -9.84
N SER D 59 4.78 -14.03 -9.96
CA SER D 59 4.38 -14.88 -8.85
C SER D 59 4.01 -16.25 -9.40
N ASN D 60 4.40 -17.29 -8.66
CA ASN D 60 4.08 -18.64 -9.08
C ASN D 60 2.57 -18.79 -9.24
N LEU D 61 2.17 -19.51 -10.30
CA LEU D 61 0.75 -19.78 -10.50
C LEU D 61 0.18 -20.53 -9.31
N SER D 62 1.00 -21.36 -8.67
CA SER D 62 0.57 -22.06 -7.48
C SER D 62 0.16 -21.15 -6.33
N LEU D 63 0.54 -19.87 -6.38
CA LEU D 63 0.19 -18.91 -5.33
C LEU D 63 -0.39 -17.61 -5.86
N LYS D 64 -0.21 -17.30 -7.15
CA LYS D 64 -0.43 -15.98 -7.75
C LYS D 64 -1.70 -15.30 -7.25
N SER D 65 -2.79 -16.05 -7.10
CA SER D 65 -4.04 -15.48 -6.63
C SER D 65 -3.92 -14.87 -5.23
N ARG D 66 -2.92 -15.26 -4.45
CA ARG D 66 -2.78 -14.80 -3.07
C ARG D 66 -1.54 -13.95 -2.84
N VAL D 67 -0.71 -13.72 -3.86
CA VAL D 67 0.60 -13.10 -3.69
C VAL D 67 0.55 -11.67 -4.18
N THR D 68 1.10 -10.75 -3.38
CA THR D 68 1.39 -9.39 -3.81
C THR D 68 2.84 -9.08 -3.45
N ILE D 69 3.64 -8.72 -4.44
CA ILE D 69 5.02 -8.32 -4.25
C ILE D 69 5.17 -6.88 -4.69
N SER D 70 5.84 -6.07 -3.85
CA SER D 70 6.01 -4.65 -4.09
C SER D 70 7.39 -4.24 -3.58
N ARG D 71 7.71 -2.95 -3.73
CA ARG D 71 9.03 -2.47 -3.36
C ARG D 71 8.95 -1.00 -2.96
N ASP D 72 10.00 -0.55 -2.27
CA ASP D 72 10.20 0.85 -1.95
C ASP D 72 11.70 1.08 -2.10
N THR D 73 12.12 1.54 -3.29
CA THR D 73 13.55 1.69 -3.56
C THR D 73 14.18 2.76 -2.67
N SER D 74 13.40 3.74 -2.23
CA SER D 74 13.92 4.75 -1.31
C SER D 74 14.35 4.15 0.02
N LYS D 75 13.88 2.95 0.36
CA LYS D 75 14.28 2.31 1.60
C LYS D 75 15.07 1.02 1.35
N ASN D 76 15.43 0.74 0.10
CA ASN D 76 16.11 -0.50 -0.27
C ASN D 76 15.36 -1.71 0.30
N GLN D 77 14.04 -1.67 0.20
CA GLN D 77 13.18 -2.73 0.73
C GLN D 77 12.23 -3.22 -0.35
N TYR D 78 11.91 -4.51 -0.29
CA TYR D 78 10.78 -5.04 -1.05
C TYR D 78 9.98 -5.96 -0.14
N TYR D 79 8.74 -6.20 -0.53
CA TYR D 79 7.72 -6.73 0.37
C TYR D 79 7.00 -7.90 -0.26
N LEU D 80 6.55 -8.81 0.61
CA LEU D 80 5.71 -9.94 0.22
C LEU D 80 4.45 -9.91 1.06
N LYS D 81 3.31 -10.11 0.41
CA LYS D 81 2.03 -10.27 1.11
C LYS D 81 1.35 -11.52 0.59
N LEU D 82 1.05 -12.45 1.50
CA LEU D 82 0.38 -13.70 1.18
C LEU D 82 -0.94 -13.73 1.95
N SER D 83 -2.05 -13.68 1.22
CA SER D 83 -3.35 -13.57 1.85
C SER D 83 -3.97 -14.95 2.07
N SER D 84 -5.03 -14.97 2.89
CA SER D 84 -5.82 -16.18 3.15
C SER D 84 -4.93 -17.38 3.48
N VAL D 85 -4.02 -17.18 4.43
CA VAL D 85 -3.04 -18.21 4.75
C VAL D 85 -3.70 -19.36 5.51
N THR D 86 -3.15 -20.55 5.33
CA THR D 86 -3.55 -21.75 6.07
C THR D 86 -2.29 -22.43 6.60
N ALA D 87 -2.43 -23.60 7.21
CA ALA D 87 -1.28 -24.27 7.81
C ALA D 87 -0.26 -24.68 6.75
N ALA D 88 -0.69 -24.87 5.50
CA ALA D 88 0.24 -25.18 4.43
C ALA D 88 1.21 -24.05 4.13
N ASP D 89 0.97 -22.86 4.68
CA ASP D 89 1.83 -21.71 4.45
C ASP D 89 2.89 -21.51 5.53
N THR D 90 2.85 -22.30 6.60
CA THR D 90 3.96 -22.31 7.54
C THR D 90 5.25 -22.72 6.81
N ALA D 91 6.28 -21.90 6.94
CA ALA D 91 7.50 -22.12 6.17
C ALA D 91 8.57 -21.14 6.64
N VAL D 92 9.82 -21.46 6.33
CA VAL D 92 10.90 -20.49 6.39
C VAL D 92 10.88 -19.69 5.09
N TYR D 93 10.80 -18.38 5.20
CA TYR D 93 10.66 -17.50 4.05
C TYR D 93 12.00 -16.81 3.79
N TYR D 94 12.56 -17.04 2.60
CA TYR D 94 13.86 -16.51 2.24
C TYR D 94 13.68 -15.35 1.27
N CYS D 95 14.44 -14.27 1.48
CA CYS D 95 14.62 -13.33 0.38
C CYS D 95 15.97 -13.60 -0.28
N ALA D 96 16.04 -13.29 -1.58
CA ALA D 96 17.15 -13.75 -2.40
C ALA D 96 17.17 -12.94 -3.69
N THR D 97 18.36 -12.82 -4.26
CA THR D 97 18.57 -12.05 -5.47
C THR D 97 19.06 -12.96 -6.58
N SER D 98 18.82 -12.54 -7.82
CA SER D 98 19.44 -13.12 -9.00
C SER D 98 19.85 -11.99 -9.94
N THR D 99 20.85 -12.25 -10.77
CA THR D 99 21.44 -11.19 -11.59
C THR D 99 20.66 -10.89 -12.86
N GLY D 100 19.88 -11.85 -13.37
CA GLY D 100 19.19 -11.66 -14.63
C GLY D 100 17.91 -12.47 -14.66
N TRP D 101 17.16 -12.32 -15.75
CA TRP D 101 15.84 -12.94 -15.82
C TRP D 101 15.92 -14.45 -15.86
N LEU D 102 16.87 -15.00 -16.61
CA LEU D 102 17.11 -16.44 -16.61
C LEU D 102 18.50 -16.65 -16.02
N ASP D 103 18.54 -16.77 -14.69
CA ASP D 103 19.77 -16.91 -13.93
C ASP D 103 19.43 -17.61 -12.62
N PRO D 104 20.38 -18.33 -12.02
CA PRO D 104 20.10 -18.95 -10.73
C PRO D 104 19.94 -17.92 -9.62
N VAL D 105 19.32 -18.37 -8.53
CA VAL D 105 19.16 -17.59 -7.30
C VAL D 105 20.50 -17.65 -6.57
N ASP D 106 21.28 -16.58 -6.67
CA ASP D 106 22.71 -16.68 -6.38
C ASP D 106 23.11 -16.20 -5.00
N TYR D 107 22.23 -15.50 -4.29
CA TYR D 107 22.52 -14.97 -2.96
C TYR D 107 21.27 -15.10 -2.12
N TRP D 108 21.37 -15.79 -0.98
CA TRP D 108 20.23 -16.08 -0.14
C TRP D 108 20.32 -15.35 1.18
N GLY D 109 19.20 -14.81 1.64
CA GLY D 109 19.07 -14.34 3.00
C GLY D 109 19.03 -15.48 3.99
N GLN D 110 19.15 -15.15 5.28
CA GLN D 110 19.13 -16.19 6.30
C GLN D 110 17.77 -16.88 6.38
N GLY D 111 16.71 -16.21 5.98
CA GLY D 111 15.40 -16.81 6.11
C GLY D 111 14.75 -16.53 7.44
N THR D 112 13.42 -16.45 7.45
CA THR D 112 12.69 -16.23 8.69
C THR D 112 11.48 -17.16 8.72
N LEU D 113 11.30 -17.82 9.86
CA LEU D 113 10.20 -18.76 10.03
C LEU D 113 8.91 -18.03 10.37
N VAL D 114 7.85 -18.34 9.62
CA VAL D 114 6.52 -17.80 9.88
C VAL D 114 5.60 -18.99 10.17
N THR D 115 4.99 -19.00 11.35
CA THR D 115 4.10 -20.04 11.79
C THR D 115 2.66 -19.55 11.73
N VAL D 116 1.80 -20.29 11.02
CA VAL D 116 0.39 -19.96 10.91
C VAL D 116 -0.36 -20.77 11.95
N SER D 117 -1.01 -20.08 12.89
CA SER D 117 -1.65 -20.74 14.01
C SER D 117 -2.56 -19.76 14.73
N SER D 118 -3.55 -20.30 15.43
CA SER D 118 -4.46 -19.51 16.25
C SER D 118 -3.92 -19.27 17.66
N ALA D 119 -2.91 -20.01 18.08
CA ALA D 119 -2.37 -19.88 19.43
C ALA D 119 -1.58 -18.58 19.57
N SER D 120 -1.50 -18.10 20.80
CA SER D 120 -0.88 -16.82 21.10
C SER D 120 0.63 -16.97 21.32
N THR D 121 1.33 -15.85 21.20
CA THR D 121 2.76 -15.82 21.49
C THR D 121 2.99 -15.94 23.00
N LYS D 122 3.98 -16.75 23.37
CA LYS D 122 4.37 -16.90 24.78
C LYS D 122 5.88 -16.95 24.88
N GLY D 123 6.45 -16.09 25.73
CA GLY D 123 7.88 -16.10 25.96
C GLY D 123 8.30 -17.29 26.80
N PRO D 124 9.55 -17.70 26.66
CA PRO D 124 10.02 -18.90 27.37
C PRO D 124 10.52 -18.62 28.78
N SER D 125 10.61 -19.69 29.56
CA SER D 125 11.34 -19.72 30.81
C SER D 125 12.67 -20.45 30.59
N VAL D 126 13.73 -19.94 31.18
CA VAL D 126 15.06 -20.49 31.03
C VAL D 126 15.50 -21.07 32.37
N PHE D 127 15.94 -22.33 32.35
CA PHE D 127 16.37 -23.02 33.56
C PHE D 127 17.77 -23.58 33.37
N PRO D 128 18.59 -23.56 34.40
CA PRO D 128 19.95 -24.10 34.28
C PRO D 128 19.96 -25.61 34.18
N LEU D 129 20.98 -26.13 33.48
CA LEU D 129 21.29 -27.56 33.45
C LEU D 129 22.67 -27.73 34.06
N ALA D 130 22.71 -28.33 35.26
CA ALA D 130 23.96 -28.44 35.99
C ALA D 130 23.97 -29.71 36.82
N PRO D 131 25.11 -30.36 36.98
CA PRO D 131 25.16 -31.64 37.69
C PRO D 131 24.67 -31.52 39.12
N CYS D 132 24.19 -32.65 39.66
CA CYS D 132 23.67 -32.71 41.01
C CYS D 132 24.79 -32.55 42.04
N GLU D 138 35.17 -36.38 37.05
CA GLU D 138 35.86 -36.55 35.79
C GLU D 138 36.55 -35.25 35.36
N SER D 139 37.34 -35.33 34.29
CA SER D 139 38.09 -34.16 33.79
C SER D 139 37.25 -33.27 32.90
N THR D 140 36.10 -33.72 32.44
CA THR D 140 35.21 -32.95 31.58
C THR D 140 33.84 -32.86 32.24
N ALA D 141 33.16 -31.73 32.02
CA ALA D 141 31.86 -31.52 32.62
C ALA D 141 30.94 -30.87 31.59
N ALA D 142 29.64 -31.11 31.75
CA ALA D 142 28.62 -30.58 30.86
C ALA D 142 27.73 -29.61 31.60
N LEU D 143 27.43 -28.48 30.96
CA LEU D 143 26.48 -27.50 31.46
C LEU D 143 25.51 -27.15 30.33
N GLY D 144 24.38 -26.55 30.71
CA GLY D 144 23.44 -26.13 29.68
C GLY D 144 22.33 -25.28 30.26
N CYS D 145 21.42 -24.88 29.36
CA CYS D 145 20.23 -24.12 29.71
C CYS D 145 19.02 -24.78 29.05
N LEU D 146 17.93 -24.88 29.81
CA LEU D 146 16.67 -25.43 29.31
C LEU D 146 15.73 -24.28 29.00
N VAL D 147 15.32 -24.17 27.74
CA VAL D 147 14.48 -23.08 27.25
C VAL D 147 13.10 -23.66 26.98
N LYS D 148 12.16 -23.44 27.90
CA LYS D 148 10.93 -24.20 27.97
C LYS D 148 9.70 -23.31 27.80
N ASP D 149 8.66 -23.89 27.20
CA ASP D 149 7.31 -23.30 27.17
C ASP D 149 7.25 -21.97 26.41
N TYR D 150 7.77 -21.98 25.18
CA TYR D 150 7.63 -20.83 24.29
C TYR D 150 6.87 -21.21 23.04
N PHE D 151 6.34 -20.18 22.36
CA PHE D 151 5.63 -20.32 21.09
C PHE D 151 5.57 -18.95 20.45
N PRO D 152 5.76 -18.84 19.12
CA PRO D 152 6.14 -19.96 18.24
C PRO D 152 7.65 -20.14 18.19
N GLU D 153 8.11 -21.03 17.32
CA GLU D 153 9.52 -21.09 17.00
C GLU D 153 9.93 -19.82 16.25
N PRO D 154 11.23 -19.48 16.25
CA PRO D 154 12.38 -20.18 16.84
C PRO D 154 12.96 -19.53 18.09
N VAL D 155 13.87 -20.25 18.71
CA VAL D 155 14.71 -19.74 19.79
C VAL D 155 16.15 -19.88 19.35
N THR D 156 16.97 -18.88 19.66
CA THR D 156 18.40 -18.96 19.41
C THR D 156 19.14 -18.94 20.74
N VAL D 157 20.22 -19.71 20.81
CA VAL D 157 21.08 -19.76 22.00
C VAL D 157 22.52 -19.56 21.55
N SER D 158 23.20 -18.61 22.16
CA SER D 158 24.65 -18.51 22.09
C SER D 158 25.23 -18.72 23.48
N TRP D 159 26.55 -18.90 23.54
CA TRP D 159 27.24 -19.07 24.81
C TRP D 159 28.35 -18.04 24.92
N ASN D 160 28.41 -17.38 26.09
CA ASN D 160 29.42 -16.36 26.37
C ASN D 160 29.43 -15.28 25.30
N SER D 161 28.24 -14.78 24.96
CA SER D 161 28.06 -13.72 23.97
C SER D 161 28.64 -14.10 22.61
N GLY D 162 28.64 -15.39 22.29
CA GLY D 162 29.17 -15.86 21.03
C GLY D 162 30.64 -16.19 21.02
N ALA D 163 31.36 -15.90 22.11
CA ALA D 163 32.78 -16.22 22.17
C ALA D 163 33.01 -17.72 22.29
N LEU D 164 32.07 -18.45 22.89
CA LEU D 164 32.21 -19.87 23.14
C LEU D 164 31.32 -20.64 22.18
N THR D 165 31.94 -21.26 21.18
CA THR D 165 31.24 -22.12 20.23
C THR D 165 31.72 -23.56 20.27
N SER D 166 32.96 -23.80 20.69
CA SER D 166 33.50 -25.16 20.70
C SER D 166 32.80 -25.98 21.78
N GLY D 167 32.38 -27.19 21.39
CA GLY D 167 31.70 -28.09 22.30
C GLY D 167 30.24 -27.80 22.55
N VAL D 168 29.67 -26.82 21.86
CA VAL D 168 28.28 -26.42 22.06
C VAL D 168 27.39 -27.28 21.19
N HIS D 169 26.30 -27.78 21.76
CA HIS D 169 25.25 -28.46 21.01
C HIS D 169 23.90 -27.84 21.39
N THR D 170 23.25 -27.20 20.43
CA THR D 170 21.89 -26.71 20.58
C THR D 170 20.97 -27.64 19.79
N PHE D 171 20.04 -28.27 20.48
CA PHE D 171 19.27 -29.34 19.88
C PHE D 171 18.01 -28.81 19.19
N PRO D 172 17.45 -29.56 18.25
CA PRO D 172 16.13 -29.22 17.72
C PRO D 172 15.11 -29.11 18.84
N ALA D 173 14.22 -28.12 18.72
CA ALA D 173 13.13 -27.98 19.67
C ALA D 173 12.16 -29.15 19.56
N VAL D 174 11.44 -29.40 20.63
CA VAL D 174 10.38 -30.42 20.65
C VAL D 174 9.07 -29.75 21.05
N LEU D 175 7.98 -30.26 20.49
CA LEU D 175 6.65 -29.73 20.76
C LEU D 175 5.99 -30.59 21.84
N GLN D 176 5.66 -29.95 22.97
CA GLN D 176 5.03 -30.62 24.08
C GLN D 176 3.52 -30.72 23.88
N SER D 177 2.89 -31.61 24.65
CA SER D 177 1.44 -31.77 24.58
C SER D 177 0.70 -30.47 24.89
N SER D 178 1.33 -29.55 25.61
CA SER D 178 0.71 -28.26 25.92
C SER D 178 0.57 -27.35 24.71
N GLY D 179 1.20 -27.69 23.58
CA GLY D 179 1.27 -26.79 22.45
C GLY D 179 2.42 -25.82 22.49
N LEU D 180 3.34 -25.96 23.44
CA LEU D 180 4.48 -25.08 23.60
C LEU D 180 5.77 -25.86 23.35
N TYR D 181 6.81 -25.15 22.91
CA TYR D 181 8.07 -25.79 22.57
C TYR D 181 9.03 -25.78 23.77
N SER D 182 9.99 -26.69 23.71
CA SER D 182 11.06 -26.75 24.71
C SER D 182 12.34 -27.18 24.01
N LEU D 183 13.44 -26.50 24.33
CA LEU D 183 14.72 -26.73 23.68
C LEU D 183 15.82 -26.69 24.72
N SER D 184 16.82 -27.56 24.56
CA SER D 184 18.03 -27.51 25.38
C SER D 184 19.22 -27.14 24.52
N SER D 185 20.19 -26.47 25.15
CA SER D 185 21.50 -26.22 24.56
C SER D 185 22.56 -26.48 25.62
N VAL D 186 23.58 -27.25 25.28
CA VAL D 186 24.57 -27.68 26.26
C VAL D 186 25.97 -27.36 25.74
N VAL D 187 26.93 -27.42 26.65
CA VAL D 187 28.35 -27.23 26.33
C VAL D 187 29.17 -28.11 27.26
N THR D 188 30.25 -28.67 26.75
CA THR D 188 31.20 -29.42 27.55
C THR D 188 32.43 -28.57 27.80
N VAL D 189 32.90 -28.55 29.04
CA VAL D 189 33.98 -27.65 29.47
C VAL D 189 34.94 -28.44 30.35
N PRO D 190 36.13 -27.91 30.63
CA PRO D 190 37.01 -28.58 31.59
C PRO D 190 36.49 -28.43 33.02
N SER D 191 36.59 -29.52 33.78
CA SER D 191 36.11 -29.50 35.15
C SER D 191 36.93 -28.54 36.02
N SER D 192 38.23 -28.42 35.76
CA SER D 192 39.09 -27.54 36.53
C SER D 192 38.83 -26.06 36.27
N SER D 193 37.92 -25.73 35.35
CA SER D 193 37.61 -24.34 35.02
C SER D 193 36.34 -23.83 35.70
N LEU D 194 35.56 -24.71 36.32
CA LEU D 194 34.21 -24.35 36.75
C LEU D 194 34.22 -23.24 37.79
N GLY D 195 35.08 -23.35 38.81
CA GLY D 195 35.11 -22.35 39.86
C GLY D 195 35.60 -20.99 39.43
N THR D 196 36.34 -20.91 38.32
CA THR D 196 37.01 -19.67 37.92
C THR D 196 36.55 -19.07 36.60
N LYS D 197 35.95 -19.84 35.69
CA LYS D 197 35.53 -19.30 34.41
C LYS D 197 34.01 -19.27 34.31
N THR D 198 33.50 -18.24 33.62
CA THR D 198 32.07 -18.04 33.47
C THR D 198 31.53 -18.77 32.24
N TYR D 199 30.34 -19.34 32.39
CA TYR D 199 29.63 -20.01 31.29
C TYR D 199 28.19 -19.52 31.31
N THR D 200 27.84 -18.72 30.30
CA THR D 200 26.59 -17.97 30.31
C THR D 200 25.83 -18.26 29.02
N CYS D 201 24.58 -18.65 29.14
CA CYS D 201 23.76 -18.89 27.95
C CYS D 201 23.00 -17.61 27.61
N ASN D 202 23.02 -17.25 26.33
CA ASN D 202 22.31 -16.09 25.80
C ASN D 202 21.12 -16.63 25.02
N VAL D 203 19.93 -16.46 25.57
CA VAL D 203 18.69 -16.92 24.95
C VAL D 203 17.98 -15.74 24.34
N ASP D 204 17.49 -15.89 23.11
CA ASP D 204 16.73 -14.84 22.45
C ASP D 204 15.52 -15.48 21.77
N HIS D 205 14.33 -15.07 22.19
CA HIS D 205 13.07 -15.47 21.57
C HIS D 205 12.47 -14.22 20.96
N LYS D 206 12.85 -13.95 19.70
CA LYS D 206 12.38 -12.74 19.02
C LYS D 206 10.85 -12.63 18.93
N PRO D 207 10.08 -13.70 18.65
CA PRO D 207 8.62 -13.52 18.55
C PRO D 207 7.99 -12.88 19.77
N SER D 208 8.55 -13.06 20.95
CA SER D 208 8.06 -12.44 22.18
C SER D 208 8.96 -11.34 22.69
N ASN D 209 10.05 -11.02 21.99
CA ASN D 209 11.02 -10.02 22.42
C ASN D 209 11.63 -10.38 23.76
N THR D 210 11.82 -11.67 24.01
CA THR D 210 12.39 -12.16 25.26
C THR D 210 13.89 -12.41 25.07
N LYS D 211 14.70 -11.71 25.87
CA LYS D 211 16.15 -11.83 25.84
C LYS D 211 16.64 -12.11 27.26
N VAL D 212 17.37 -13.21 27.43
CA VAL D 212 17.80 -13.67 28.74
C VAL D 212 19.24 -14.11 28.67
N ASP D 213 20.08 -13.55 29.55
CA ASP D 213 21.43 -14.04 29.78
C ASP D 213 21.44 -14.76 31.13
N LYS D 214 21.86 -16.02 31.13
CA LYS D 214 21.85 -16.85 32.33
C LYS D 214 23.20 -17.53 32.48
N ARG D 215 23.88 -17.26 33.59
CA ARG D 215 25.13 -17.95 33.91
C ARG D 215 24.81 -19.18 34.75
N VAL D 216 25.45 -20.31 34.41
CA VAL D 216 25.06 -21.62 34.89
C VAL D 216 26.16 -22.18 35.77
N GLU D 217 25.79 -22.56 36.99
CA GLU D 217 26.67 -23.25 37.92
C GLU D 217 25.90 -24.41 38.55
N SER D 218 26.64 -25.34 39.15
CA SER D 218 26.02 -26.50 39.78
C SER D 218 25.19 -26.10 40.98
N ASP E 1 4.88 -27.16 -14.42
CA ASP E 1 6.20 -26.95 -13.82
C ASP E 1 7.21 -27.94 -14.35
N ILE E 2 8.47 -27.52 -14.42
CA ILE E 2 9.59 -28.44 -14.64
C ILE E 2 9.99 -28.99 -13.28
N VAL E 3 9.77 -30.30 -13.09
CA VAL E 3 10.01 -30.94 -11.80
C VAL E 3 11.46 -31.42 -11.76
N MET E 4 12.14 -31.14 -10.66
CA MET E 4 13.51 -31.62 -10.43
C MET E 4 13.47 -32.68 -9.35
N THR E 5 13.97 -33.88 -9.68
CA THR E 5 13.98 -35.02 -8.78
C THR E 5 15.44 -35.40 -8.51
N GLN E 6 15.83 -35.38 -7.24
CA GLN E 6 17.18 -35.70 -6.86
C GLN E 6 17.29 -37.16 -6.40
N SER E 7 18.50 -37.69 -6.51
CA SER E 7 18.77 -39.09 -6.19
C SER E 7 20.23 -39.26 -5.79
N PRO E 8 20.52 -39.91 -4.66
CA PRO E 8 19.52 -40.44 -3.73
C PRO E 8 19.00 -39.37 -2.76
N ASP E 9 18.10 -39.75 -1.86
CA ASP E 9 17.62 -38.81 -0.86
C ASP E 9 18.69 -38.49 0.17
N SER E 10 19.58 -39.45 0.47
CA SER E 10 20.67 -39.21 1.39
C SER E 10 21.82 -40.15 1.08
N LEU E 11 22.99 -39.82 1.60
CA LEU E 11 24.24 -40.49 1.23
C LEU E 11 25.18 -40.45 2.43
N ALA E 12 25.94 -41.53 2.62
CA ALA E 12 27.00 -41.56 3.61
C ALA E 12 28.28 -42.05 2.95
N VAL E 13 29.34 -41.24 3.05
CA VAL E 13 30.62 -41.49 2.38
C VAL E 13 31.75 -41.25 3.39
N SER E 14 32.81 -42.05 3.27
CA SER E 14 33.95 -41.89 4.16
C SER E 14 34.76 -40.64 3.77
N LEU E 15 35.58 -40.18 4.71
CA LEU E 15 36.46 -39.05 4.44
C LEU E 15 37.41 -39.38 3.29
N GLY E 16 37.64 -38.40 2.43
CA GLY E 16 38.55 -38.53 1.31
C GLY E 16 37.98 -39.26 0.12
N GLU E 17 36.81 -39.87 0.24
CA GLU E 17 36.16 -40.54 -0.87
C GLU E 17 35.32 -39.57 -1.68
N ARG E 18 34.72 -40.07 -2.75
CA ARG E 18 33.95 -39.26 -3.69
C ARG E 18 32.47 -39.57 -3.55
N ALA E 19 31.65 -38.51 -3.48
CA ALA E 19 30.20 -38.61 -3.41
C ALA E 19 29.60 -37.97 -4.66
N THR E 20 28.57 -38.61 -5.20
CA THR E 20 27.91 -38.15 -6.41
C THR E 20 26.42 -38.01 -6.16
N ILE E 21 25.88 -36.84 -6.51
CA ILE E 21 24.48 -36.52 -6.29
C ILE E 21 23.83 -36.25 -7.64
N ASN E 22 22.69 -36.87 -7.90
CA ASN E 22 22.01 -36.77 -9.18
C ASN E 22 20.79 -35.85 -9.07
N CYS E 23 20.46 -35.22 -10.20
CA CYS E 23 19.31 -34.33 -10.28
C CYS E 23 18.71 -34.48 -11.67
N LYS E 24 17.45 -34.91 -11.72
CA LYS E 24 16.78 -35.22 -12.98
C LYS E 24 15.66 -34.23 -13.20
N ALA E 25 15.69 -33.55 -14.36
CA ALA E 25 14.64 -32.64 -14.76
C ALA E 25 13.56 -33.39 -15.53
N SER E 26 12.30 -33.00 -15.32
CA SER E 26 11.20 -33.66 -16.01
C SER E 26 11.19 -33.37 -17.51
N GLN E 27 11.93 -32.37 -17.96
CA GLN E 27 12.10 -32.10 -19.39
C GLN E 27 13.44 -31.43 -19.62
N ASN E 28 13.79 -31.30 -20.91
CA ASN E 28 15.06 -30.69 -21.33
C ASN E 28 15.19 -29.24 -20.87
N VAL E 29 16.30 -28.95 -20.18
CA VAL E 29 16.56 -27.70 -19.45
C VAL E 29 17.85 -26.99 -19.83
N ASP E 30 18.32 -27.12 -21.08
CA ASP E 30 19.55 -27.82 -21.46
C ASP E 30 20.74 -27.67 -20.50
N THR E 31 21.16 -26.46 -20.16
CA THR E 31 22.28 -26.35 -19.21
C THR E 31 21.98 -25.37 -18.08
N SER E 32 20.73 -24.95 -17.94
CA SER E 32 20.32 -23.95 -16.95
C SER E 32 20.04 -24.59 -15.59
N VAL E 33 21.08 -25.17 -15.01
CA VAL E 33 20.98 -25.83 -13.71
C VAL E 33 22.05 -25.29 -12.78
N ALA E 34 21.68 -25.07 -11.52
CA ALA E 34 22.60 -24.62 -10.49
C ALA E 34 22.57 -25.60 -9.33
N TRP E 35 23.67 -25.63 -8.57
CA TRP E 35 23.80 -26.50 -7.41
C TRP E 35 24.06 -25.65 -6.17
N PHE E 36 23.51 -26.09 -5.04
CA PHE E 36 23.59 -25.31 -3.80
C PHE E 36 23.97 -26.20 -2.63
N GLN E 37 24.75 -25.64 -1.71
CA GLN E 37 25.07 -26.26 -0.43
C GLN E 37 24.36 -25.53 0.68
N GLN E 38 23.69 -26.26 1.56
CA GLN E 38 23.04 -25.67 2.73
C GLN E 38 23.43 -26.47 3.97
N LYS E 39 24.19 -25.85 4.85
CA LYS E 39 24.57 -26.41 6.13
C LYS E 39 23.52 -26.06 7.19
N PRO E 40 23.49 -26.80 8.30
CA PRO E 40 22.49 -26.53 9.33
C PRO E 40 22.59 -25.11 9.87
N GLY E 41 21.45 -24.42 9.92
CA GLY E 41 21.39 -23.07 10.45
C GLY E 41 21.94 -21.99 9.54
N GLN E 42 22.33 -22.34 8.31
CA GLN E 42 22.90 -21.37 7.38
C GLN E 42 22.04 -21.26 6.13
N PRO E 43 22.10 -20.13 5.44
CA PRO E 43 21.38 -20.00 4.16
C PRO E 43 22.05 -20.83 3.09
N PRO E 44 21.34 -21.15 2.00
CA PRO E 44 21.98 -21.86 0.89
C PRO E 44 23.16 -21.08 0.33
N LYS E 45 24.13 -21.82 -0.20
CA LYS E 45 25.34 -21.23 -0.78
C LYS E 45 25.52 -21.78 -2.18
N ALA E 46 25.59 -20.88 -3.17
CA ALA E 46 25.69 -21.31 -4.56
C ALA E 46 27.05 -21.92 -4.84
N LEU E 47 27.05 -23.10 -5.47
CA LEU E 47 28.27 -23.80 -5.84
C LEU E 47 28.54 -23.80 -7.34
N ILE E 48 27.54 -24.18 -8.14
CA ILE E 48 27.71 -24.35 -9.58
C ILE E 48 26.61 -23.58 -10.30
N TYR E 49 26.95 -23.00 -11.45
CA TYR E 49 25.96 -22.49 -12.40
C TYR E 49 26.28 -23.01 -13.79
N SER E 50 25.28 -22.93 -14.67
CA SER E 50 25.32 -23.47 -16.02
C SER E 50 25.79 -24.93 -16.03
N ALA E 51 25.58 -25.58 -14.90
CA ALA E 51 25.59 -27.02 -14.65
C ALA E 51 27.00 -27.60 -14.66
N SER E 52 28.02 -26.80 -15.01
CA SER E 52 29.40 -27.19 -14.76
C SER E 52 30.32 -26.09 -14.26
N PHE E 53 29.84 -24.88 -14.02
CA PHE E 53 30.71 -23.74 -13.76
C PHE E 53 30.77 -23.44 -12.28
N ARG E 54 31.97 -23.51 -11.70
CA ARG E 54 32.12 -23.15 -10.30
C ARG E 54 31.96 -21.66 -10.10
N TYR E 55 31.26 -21.29 -9.03
CA TYR E 55 31.30 -19.92 -8.51
C TYR E 55 32.68 -19.63 -7.96
N SER E 56 33.05 -18.35 -7.95
CA SER E 56 34.33 -17.98 -7.40
C SER E 56 34.43 -18.37 -5.93
N GLY E 57 35.55 -19.00 -5.59
CA GLY E 57 35.81 -19.39 -4.22
C GLY E 57 35.43 -20.81 -3.89
N VAL E 58 34.67 -21.48 -4.74
CA VAL E 58 34.28 -22.88 -4.49
C VAL E 58 35.47 -23.78 -4.82
N PRO E 59 35.86 -24.68 -3.91
CA PRO E 59 37.06 -25.49 -4.17
C PRO E 59 36.91 -26.35 -5.42
N ASP E 60 38.06 -26.79 -5.95
CA ASP E 60 38.05 -27.61 -7.15
C ASP E 60 37.43 -28.99 -6.93
N ARG E 61 37.27 -29.41 -5.68
CA ARG E 61 36.71 -30.72 -5.42
C ARG E 61 35.21 -30.76 -5.69
N PHE E 62 34.57 -29.61 -5.80
CA PHE E 62 33.17 -29.52 -6.20
C PHE E 62 33.11 -29.34 -7.71
N SER E 63 32.36 -30.21 -8.38
CA SER E 63 32.28 -30.18 -9.82
C SER E 63 30.90 -30.62 -10.26
N GLY E 64 30.39 -29.94 -11.29
CA GLY E 64 29.10 -30.29 -11.86
C GLY E 64 29.23 -30.72 -13.30
N SER E 65 28.27 -31.52 -13.78
CA SER E 65 28.28 -31.95 -15.16
C SER E 65 26.87 -32.34 -15.56
N GLY E 66 26.68 -32.55 -16.86
CA GLY E 66 25.39 -32.98 -17.36
C GLY E 66 24.76 -31.98 -18.30
N SER E 67 23.83 -32.48 -19.12
CA SER E 67 23.10 -31.70 -20.10
C SER E 67 21.76 -32.39 -20.32
N GLY E 68 20.82 -31.65 -20.88
CA GLY E 68 19.52 -32.25 -21.07
C GLY E 68 18.73 -32.41 -19.80
N THR E 69 18.55 -33.65 -19.35
CA THR E 69 17.72 -33.97 -18.20
C THR E 69 18.51 -34.48 -17.00
N ASP E 70 19.71 -35.00 -17.22
CA ASP E 70 20.49 -35.66 -16.17
C ASP E 70 21.66 -34.78 -15.79
N PHE E 71 21.75 -34.43 -14.51
CA PHE E 71 22.80 -33.57 -13.98
C PHE E 71 23.41 -34.20 -12.75
N THR E 72 24.64 -33.79 -12.45
CA THR E 72 25.43 -34.45 -11.43
C THR E 72 26.28 -33.43 -10.70
N LEU E 73 26.23 -33.48 -9.37
CA LEU E 73 27.18 -32.78 -8.51
C LEU E 73 28.11 -33.82 -7.90
N THR E 74 29.41 -33.66 -8.12
CA THR E 74 30.40 -34.59 -7.60
C THR E 74 31.28 -33.87 -6.59
N ILE E 75 31.41 -34.46 -5.40
CA ILE E 75 32.28 -33.94 -4.35
C ILE E 75 33.37 -34.98 -4.14
N SER E 76 34.57 -34.67 -4.64
CA SER E 76 35.75 -35.50 -4.44
C SER E 76 36.43 -35.15 -3.13
N SER E 77 37.30 -36.06 -2.68
CA SER E 77 38.13 -35.86 -1.49
C SER E 77 37.35 -35.26 -0.33
N LEU E 78 36.31 -35.97 0.10
CA LEU E 78 35.37 -35.40 1.04
C LEU E 78 36.06 -34.97 2.32
N GLN E 79 35.67 -33.80 2.82
CA GLN E 79 36.11 -33.25 4.08
C GLN E 79 34.94 -33.22 5.07
N ALA E 80 35.26 -33.31 6.36
CA ALA E 80 34.22 -33.40 7.38
C ALA E 80 33.27 -32.19 7.34
N GLU E 81 33.76 -31.03 6.94
CA GLU E 81 32.93 -29.83 6.86
C GLU E 81 32.03 -29.82 5.63
N ASP E 82 31.98 -30.90 4.87
CA ASP E 82 31.11 -31.00 3.70
C ASP E 82 29.73 -31.53 4.04
N VAL E 83 29.47 -31.90 5.31
CA VAL E 83 28.14 -32.36 5.67
C VAL E 83 27.16 -31.21 5.47
N ALA E 84 26.12 -31.47 4.68
CA ALA E 84 25.14 -30.44 4.31
C ALA E 84 24.05 -31.11 3.51
N VAL E 85 23.00 -30.34 3.22
CA VAL E 85 22.00 -30.70 2.23
C VAL E 85 22.37 -30.01 0.92
N TYR E 86 22.42 -30.79 -0.16
CA TYR E 86 22.72 -30.27 -1.49
C TYR E 86 21.47 -30.36 -2.35
N PHE E 87 21.14 -29.27 -3.06
CA PHE E 87 19.98 -29.26 -3.91
C PHE E 87 20.27 -28.51 -5.20
N CYS E 88 19.52 -28.86 -6.24
CA CYS E 88 19.66 -28.24 -7.56
C CYS E 88 18.50 -27.28 -7.82
N GLN E 89 18.73 -26.36 -8.75
CA GLN E 89 17.70 -25.46 -9.25
C GLN E 89 17.77 -25.43 -10.76
N GLN E 90 16.61 -25.36 -11.41
CA GLN E 90 16.54 -25.08 -12.84
C GLN E 90 16.09 -23.64 -13.05
N TYR E 91 16.73 -22.95 -13.97
CA TYR E 91 16.29 -21.64 -14.41
C TYR E 91 16.10 -21.63 -15.92
N TYR E 92 15.57 -22.74 -16.45
CA TYR E 92 15.27 -22.85 -17.87
C TYR E 92 13.93 -22.23 -18.22
N GLY E 93 12.98 -22.27 -17.29
CA GLY E 93 11.67 -21.68 -17.51
C GLY E 93 11.01 -21.35 -16.18
N TYR E 94 9.94 -20.56 -16.28
CA TYR E 94 9.22 -20.15 -15.07
C TYR E 94 8.01 -21.04 -14.83
N PRO E 95 7.66 -21.33 -13.56
CA PRO E 95 8.41 -20.89 -12.37
C PRO E 95 9.70 -21.67 -12.16
N PHE E 96 10.72 -21.01 -11.62
CA PHE E 96 11.91 -21.74 -11.19
C PHE E 96 11.50 -22.82 -10.18
N THR E 97 12.23 -23.93 -10.20
CA THR E 97 11.92 -25.04 -9.30
C THR E 97 13.20 -25.62 -8.76
N PHE E 98 13.09 -26.25 -7.59
CA PHE E 98 14.22 -26.78 -6.86
C PHE E 98 14.04 -28.27 -6.64
N GLY E 99 15.16 -29.00 -6.68
CA GLY E 99 15.16 -30.37 -6.22
C GLY E 99 14.91 -30.45 -4.72
N GLN E 100 14.47 -31.62 -4.27
CA GLN E 100 14.09 -31.78 -2.87
C GLN E 100 15.28 -31.89 -1.94
N GLY E 101 16.49 -31.98 -2.47
CA GLY E 101 17.68 -31.98 -1.64
C GLY E 101 18.18 -33.38 -1.34
N THR E 102 19.50 -33.48 -1.19
CA THR E 102 20.17 -34.72 -0.80
C THR E 102 21.05 -34.44 0.40
N LYS E 103 20.88 -35.21 1.47
CA LYS E 103 21.65 -35.00 2.69
C LYS E 103 22.93 -35.84 2.62
N LEU E 104 24.07 -35.18 2.79
CA LEU E 104 25.36 -35.86 2.77
C LEU E 104 25.85 -36.03 4.20
N GLU E 105 26.23 -37.25 4.55
CA GLU E 105 26.75 -37.57 5.87
C GLU E 105 28.07 -38.31 5.74
N ILE E 106 28.87 -38.24 6.80
CA ILE E 106 30.19 -38.87 6.82
C ILE E 106 30.09 -40.22 7.50
N LYS E 107 30.75 -41.22 6.93
CA LYS E 107 30.96 -42.49 7.61
C LYS E 107 32.30 -42.46 8.31
N ARG E 108 32.29 -42.76 9.61
CA ARG E 108 33.49 -42.70 10.43
C ARG E 108 33.50 -43.92 11.36
N THR E 109 34.55 -44.02 12.17
CA THR E 109 34.63 -45.10 13.13
C THR E 109 33.61 -44.90 14.25
N VAL E 110 33.28 -45.99 14.92
CA VAL E 110 32.31 -45.94 16.01
C VAL E 110 32.87 -45.10 17.15
N ALA E 111 32.01 -44.27 17.74
CA ALA E 111 32.37 -43.46 18.91
C ALA E 111 31.26 -43.59 19.94
N ALA E 112 31.65 -43.95 21.17
CA ALA E 112 30.66 -44.08 22.21
C ALA E 112 30.26 -42.72 22.77
N PRO E 113 29.03 -42.56 23.22
CA PRO E 113 28.59 -41.28 23.76
C PRO E 113 29.10 -41.04 25.18
N SER E 114 29.37 -39.78 25.47
CA SER E 114 29.58 -39.34 26.85
C SER E 114 28.23 -38.95 27.43
N VAL E 115 27.85 -39.59 28.53
CA VAL E 115 26.50 -39.49 29.07
C VAL E 115 26.52 -38.63 30.33
N PHE E 116 25.59 -37.67 30.39
CA PHE E 116 25.44 -36.78 31.54
C PHE E 116 23.96 -36.68 31.87
N ILE E 117 23.64 -36.58 33.16
CA ILE E 117 22.28 -36.39 33.63
C ILE E 117 22.20 -35.10 34.42
N PHE E 118 21.11 -34.36 34.24
CA PHE E 118 20.87 -33.12 34.94
C PHE E 118 19.57 -33.21 35.74
N PRO E 119 19.57 -32.88 37.02
CA PRO E 119 18.33 -32.85 37.78
C PRO E 119 17.54 -31.60 37.45
N PRO E 120 16.26 -31.55 37.80
CA PRO E 120 15.51 -30.30 37.61
C PRO E 120 16.03 -29.22 38.54
N SER E 121 15.91 -27.96 38.10
CA SER E 121 16.35 -26.85 38.92
C SER E 121 15.29 -26.54 39.98
N ASP E 122 15.76 -26.02 41.12
CA ASP E 122 14.84 -25.57 42.16
C ASP E 122 13.91 -24.48 41.66
N GLU E 123 14.40 -23.66 40.73
CA GLU E 123 13.56 -22.64 40.09
C GLU E 123 12.34 -23.27 39.42
N GLN E 124 12.57 -24.23 38.52
CA GLN E 124 11.45 -24.87 37.84
C GLN E 124 10.54 -25.61 38.82
N LEU E 125 11.12 -26.23 39.86
CA LEU E 125 10.33 -26.97 40.82
C LEU E 125 9.27 -26.09 41.49
N LYS E 126 9.58 -24.82 41.76
CA LYS E 126 8.61 -23.92 42.38
C LYS E 126 7.34 -23.80 41.56
N SER E 127 7.46 -23.86 40.24
CA SER E 127 6.33 -23.62 39.35
C SER E 127 5.54 -24.89 39.05
N GLY E 128 5.96 -26.03 39.60
CA GLY E 128 5.15 -27.23 39.60
C GLY E 128 5.51 -28.31 38.59
N THR E 129 6.60 -28.15 37.86
CA THR E 129 7.03 -29.15 36.90
C THR E 129 8.50 -29.48 37.13
N ALA E 130 8.88 -30.70 36.81
CA ALA E 130 10.26 -31.17 36.96
C ALA E 130 10.70 -31.79 35.64
N SER E 131 11.67 -31.17 34.98
CA SER E 131 12.28 -31.70 33.77
C SER E 131 13.63 -32.31 34.11
N VAL E 132 13.82 -33.57 33.74
CA VAL E 132 15.07 -34.29 33.96
C VAL E 132 15.67 -34.56 32.59
N VAL E 133 16.92 -34.14 32.39
CA VAL E 133 17.55 -34.13 31.09
C VAL E 133 18.72 -35.10 31.08
N CYS E 134 18.84 -35.86 30.00
CA CYS E 134 19.93 -36.80 29.79
C CYS E 134 20.63 -36.43 28.49
N LEU E 135 21.94 -36.29 28.54
CA LEU E 135 22.73 -35.82 27.41
C LEU E 135 23.62 -36.93 26.88
N LEU E 136 23.56 -37.18 25.58
CA LEU E 136 24.40 -38.16 24.89
C LEU E 136 25.29 -37.37 23.92
N ASN E 137 26.57 -37.29 24.22
CA ASN E 137 27.47 -36.33 23.59
C ASN E 137 28.41 -37.03 22.61
N ASN E 138 28.39 -36.59 21.35
CA ASN E 138 29.44 -36.87 20.37
C ASN E 138 29.66 -38.37 20.16
N PHE E 139 28.61 -39.04 19.68
CA PHE E 139 28.66 -40.46 19.38
C PHE E 139 28.42 -40.71 17.90
N TYR E 140 28.76 -41.94 17.47
CA TYR E 140 28.53 -42.41 16.11
C TYR E 140 28.46 -43.93 16.16
N PRO E 141 27.51 -44.55 15.46
CA PRO E 141 26.54 -43.94 14.54
C PRO E 141 25.35 -43.32 15.25
N ARG E 142 24.38 -42.83 14.45
CA ARG E 142 23.27 -42.06 14.99
C ARG E 142 22.40 -42.88 15.93
N GLU E 143 22.27 -44.18 15.67
CA GLU E 143 21.33 -45.00 16.42
C GLU E 143 21.74 -45.08 17.89
N ALA E 144 20.80 -44.74 18.78
CA ALA E 144 21.00 -44.87 20.21
C ALA E 144 19.64 -45.05 20.89
N LYS E 145 19.65 -45.64 22.07
CA LYS E 145 18.44 -45.83 22.85
C LYS E 145 18.62 -45.29 24.26
N VAL E 146 17.70 -44.43 24.67
CA VAL E 146 17.64 -43.88 26.02
C VAL E 146 16.44 -44.47 26.73
N GLN E 147 16.65 -45.04 27.92
CA GLN E 147 15.58 -45.62 28.71
C GLN E 147 15.61 -44.99 30.09
N TRP E 148 14.54 -44.25 30.41
CA TRP E 148 14.41 -43.62 31.72
C TRP E 148 13.90 -44.63 32.73
N LYS E 149 14.49 -44.62 33.92
CA LYS E 149 14.04 -45.45 35.03
C LYS E 149 13.85 -44.58 36.25
N VAL E 150 12.71 -44.75 36.93
CA VAL E 150 12.37 -43.97 38.10
C VAL E 150 12.03 -44.97 39.21
N ASP E 151 12.92 -45.07 40.20
CA ASP E 151 12.88 -46.15 41.20
C ASP E 151 12.77 -47.50 40.51
N ASN E 152 13.57 -47.68 39.46
CA ASN E 152 13.72 -48.88 38.65
C ASN E 152 12.47 -49.19 37.83
N ALA E 153 11.46 -48.31 37.84
CA ALA E 153 10.32 -48.48 36.94
C ALA E 153 10.67 -47.87 35.58
N LEU E 154 10.54 -48.67 34.52
CA LEU E 154 10.82 -48.21 33.17
C LEU E 154 9.74 -47.23 32.72
N GLN E 155 10.17 -46.04 32.30
CA GLN E 155 9.26 -44.96 31.92
C GLN E 155 8.85 -45.06 30.46
N SER E 156 7.64 -44.60 30.17
CA SER E 156 7.08 -44.68 28.84
C SER E 156 6.11 -43.52 28.63
N GLY E 157 6.23 -42.87 27.46
CA GLY E 157 5.31 -41.82 27.07
C GLY E 157 5.48 -40.49 27.75
N ASN E 158 6.44 -40.35 28.68
CA ASN E 158 6.66 -39.09 29.38
C ASN E 158 8.02 -38.48 29.06
N SER E 159 8.64 -38.88 27.94
CA SER E 159 9.94 -38.36 27.55
C SER E 159 9.91 -37.92 26.08
N GLN E 160 10.71 -36.91 25.77
CA GLN E 160 10.91 -36.44 24.41
C GLN E 160 12.39 -36.21 24.17
N GLU E 161 12.84 -36.50 22.95
CA GLU E 161 14.25 -36.38 22.61
C GLU E 161 14.40 -35.78 21.22
N SER E 162 15.55 -35.16 20.98
CA SER E 162 15.93 -34.67 19.67
C SER E 162 17.43 -34.88 19.48
N VAL E 163 17.86 -34.86 18.23
CA VAL E 163 19.24 -35.18 17.86
C VAL E 163 19.79 -34.08 16.97
N THR E 164 21.03 -33.68 17.22
CA THR E 164 21.68 -32.69 16.38
C THR E 164 22.03 -33.28 15.02
N GLU E 165 22.26 -32.41 14.06
CA GLU E 165 22.84 -32.82 12.79
C GLU E 165 24.31 -33.18 13.00
N GLN E 166 24.89 -33.85 12.01
CA GLN E 166 26.25 -34.36 12.14
C GLN E 166 27.24 -33.21 12.31
N ASP E 167 28.18 -33.40 13.23
CA ASP E 167 29.15 -32.36 13.55
C ASP E 167 30.12 -32.16 12.38
N SER E 168 30.38 -30.90 12.04
CA SER E 168 31.22 -30.56 10.91
C SER E 168 32.72 -30.78 11.18
N LYS E 169 33.10 -31.17 12.40
CA LYS E 169 34.50 -31.40 12.72
C LYS E 169 34.83 -32.87 12.97
N ASP E 170 34.10 -33.54 13.86
CA ASP E 170 34.36 -34.93 14.17
C ASP E 170 33.29 -35.87 13.65
N SER E 171 32.27 -35.36 12.95
CA SER E 171 31.25 -36.17 12.30
C SER E 171 30.47 -37.03 13.29
N THR E 172 30.27 -36.53 14.50
CA THR E 172 29.50 -37.23 15.51
C THR E 172 28.12 -36.60 15.68
N TYR E 173 27.26 -37.33 16.38
CA TYR E 173 25.92 -36.87 16.73
C TYR E 173 25.82 -36.69 18.24
N SER E 174 24.87 -35.85 18.64
CA SER E 174 24.53 -35.70 20.05
C SER E 174 23.02 -35.75 20.21
N LEU E 175 22.57 -36.19 21.38
CA LEU E 175 21.16 -36.42 21.64
C LEU E 175 20.81 -35.89 23.03
N SER E 176 19.69 -35.17 23.11
CA SER E 176 19.15 -34.70 24.38
C SER E 176 17.79 -35.33 24.60
N SER E 177 17.58 -35.89 25.80
CA SER E 177 16.32 -36.50 26.15
C SER E 177 15.81 -35.87 27.44
N THR E 178 14.53 -35.50 27.45
CA THR E 178 13.93 -34.80 28.59
C THR E 178 12.79 -35.65 29.16
N LEU E 179 12.91 -36.00 30.43
CA LEU E 179 11.83 -36.64 31.18
C LEU E 179 11.08 -35.55 31.94
N THR E 180 9.77 -35.45 31.70
CA THR E 180 8.96 -34.38 32.28
C THR E 180 7.92 -34.99 33.21
N LEU E 181 7.90 -34.52 34.45
CA LEU E 181 6.94 -34.96 35.44
C LEU E 181 6.40 -33.73 36.18
N SER E 182 5.20 -33.89 36.73
CA SER E 182 4.65 -32.88 37.61
C SER E 182 5.48 -32.80 38.89
N LYS E 183 5.33 -31.68 39.60
CA LYS E 183 5.98 -31.55 40.91
C LYS E 183 5.58 -32.68 41.84
N ALA E 184 4.31 -33.11 41.77
CA ALA E 184 3.83 -34.18 42.65
C ALA E 184 4.54 -35.49 42.33
N ASP E 185 4.42 -35.96 41.08
CA ASP E 185 5.02 -37.23 40.69
C ASP E 185 6.52 -37.27 40.99
N TYR E 186 7.20 -36.12 40.87
CA TYR E 186 8.64 -36.08 41.10
C TYR E 186 8.98 -36.32 42.57
N GLU E 187 8.25 -35.67 43.49
CA GLU E 187 8.55 -35.83 44.91
C GLU E 187 8.34 -37.26 45.39
N LYS E 188 7.46 -38.01 44.74
CA LYS E 188 7.10 -39.34 45.23
C LYS E 188 8.16 -40.40 44.94
N HIS E 189 9.21 -40.06 44.21
CA HIS E 189 10.25 -41.02 43.87
C HIS E 189 11.61 -40.45 44.26
N LYS E 190 12.61 -41.34 44.33
CA LYS E 190 13.94 -40.97 44.79
C LYS E 190 15.01 -41.14 43.73
N VAL E 191 15.03 -42.27 43.01
CA VAL E 191 16.11 -42.60 42.09
C VAL E 191 15.67 -42.29 40.67
N TYR E 192 16.38 -41.39 40.01
CA TYR E 192 16.13 -41.03 38.62
C TYR E 192 17.35 -41.39 37.79
N ALA E 193 17.17 -42.33 36.85
CA ALA E 193 18.26 -42.91 36.09
C ALA E 193 17.98 -42.84 34.60
N CYS E 194 19.04 -42.64 33.82
CA CYS E 194 19.00 -42.63 32.36
C CYS E 194 19.94 -43.72 31.86
N GLU E 195 19.38 -44.75 31.24
CA GLU E 195 20.15 -45.87 30.71
C GLU E 195 20.32 -45.71 29.20
N VAL E 196 21.57 -45.78 28.74
CA VAL E 196 21.93 -45.48 27.36
C VAL E 196 22.49 -46.74 26.72
N THR E 197 21.93 -47.12 25.57
CA THR E 197 22.38 -48.26 24.80
C THR E 197 22.92 -47.76 23.47
N HIS E 198 24.12 -48.21 23.10
CA HIS E 198 24.75 -47.79 21.86
C HIS E 198 25.82 -48.81 21.49
N GLN E 199 25.97 -49.04 20.18
CA GLN E 199 26.91 -50.03 19.69
C GLN E 199 28.34 -49.77 20.15
N GLY E 200 28.68 -48.50 20.39
CA GLY E 200 30.00 -48.15 20.90
C GLY E 200 30.23 -48.52 22.35
N LEU E 201 29.19 -48.97 23.04
CA LEU E 201 29.28 -49.37 24.44
C LEU E 201 29.15 -50.88 24.53
N SER E 202 30.14 -51.51 25.17
CA SER E 202 30.09 -52.96 25.36
C SER E 202 28.82 -53.37 26.11
N SER E 203 28.48 -52.63 27.15
CA SER E 203 27.25 -52.82 27.92
C SER E 203 26.59 -51.47 28.12
N PRO E 204 25.29 -51.45 28.41
CA PRO E 204 24.59 -50.17 28.59
C PRO E 204 25.12 -49.41 29.80
N VAL E 205 25.20 -48.09 29.64
CA VAL E 205 25.69 -47.20 30.68
C VAL E 205 24.49 -46.53 31.33
N THR E 206 24.58 -46.27 32.64
CA THR E 206 23.51 -45.59 33.36
C THR E 206 24.09 -44.44 34.16
N LYS E 207 23.53 -43.25 33.97
CA LYS E 207 23.77 -42.13 34.86
C LYS E 207 22.51 -41.89 35.69
N SER E 208 22.71 -41.45 36.93
CA SER E 208 21.59 -41.35 37.85
C SER E 208 21.92 -40.35 38.94
N PHE E 209 20.87 -39.88 39.61
CA PHE E 209 20.99 -39.08 40.81
C PHE E 209 19.84 -39.42 41.74
N ASN E 210 19.97 -39.02 42.99
CA ASN E 210 18.93 -39.23 43.99
C ASN E 210 18.37 -37.87 44.40
N ARG E 211 17.04 -37.75 44.37
CA ARG E 211 16.38 -36.53 44.83
C ARG E 211 16.72 -36.27 46.29
N GLY E 212 17.42 -35.18 46.56
CA GLY E 212 17.82 -34.85 47.91
C GLY E 212 19.11 -35.51 48.33
N PHE F 19 13.81 -24.29 -26.18
CA PHE F 19 12.86 -23.21 -26.37
C PHE F 19 13.56 -21.99 -26.98
N THR F 20 13.04 -21.52 -28.11
CA THR F 20 13.71 -20.53 -28.94
C THR F 20 12.74 -19.43 -29.33
N VAL F 21 13.00 -18.22 -28.90
CA VAL F 21 12.26 -17.05 -29.36
C VAL F 21 13.01 -16.46 -30.55
N THR F 22 12.26 -16.11 -31.60
CA THR F 22 12.85 -15.52 -32.80
C THR F 22 12.19 -14.19 -33.11
N VAL F 23 12.96 -13.30 -33.74
CA VAL F 23 12.49 -12.00 -34.16
C VAL F 23 12.60 -11.96 -35.72
N PRO F 24 11.52 -11.67 -36.43
CA PRO F 24 11.65 -11.55 -37.89
C PRO F 24 12.49 -10.34 -38.30
N LYS F 25 12.53 -9.30 -37.48
CA LYS F 25 13.30 -8.10 -37.76
C LYS F 25 14.15 -7.74 -36.54
N ASP F 26 15.44 -7.58 -36.77
CA ASP F 26 16.36 -7.21 -35.70
C ASP F 26 16.30 -5.73 -35.37
N LEU F 27 15.93 -4.90 -36.34
CA LEU F 27 16.00 -3.45 -36.22
C LEU F 27 14.81 -2.82 -36.92
N TYR F 28 14.16 -1.87 -36.25
CA TYR F 28 13.01 -1.17 -36.81
C TYR F 28 13.37 0.30 -36.95
N VAL F 29 13.35 0.81 -38.18
CA VAL F 29 13.45 2.23 -38.45
C VAL F 29 12.04 2.74 -38.73
N VAL F 30 11.60 3.71 -37.95
CA VAL F 30 10.19 4.09 -37.88
C VAL F 30 10.07 5.59 -38.10
N GLU F 31 9.01 6.01 -38.78
CA GLU F 31 8.78 7.43 -39.02
C GLU F 31 8.19 8.10 -37.79
N TYR F 32 8.61 9.33 -37.54
CA TYR F 32 8.04 10.15 -36.48
C TYR F 32 6.52 10.22 -36.61
N GLY F 33 5.83 10.01 -35.49
CA GLY F 33 4.39 10.11 -35.47
C GLY F 33 3.64 8.84 -35.83
N SER F 34 4.34 7.79 -36.23
CA SER F 34 3.72 6.58 -36.72
C SER F 34 3.47 5.58 -35.59
N ASN F 35 2.66 4.56 -35.90
CA ASN F 35 2.57 3.39 -35.05
C ASN F 35 3.58 2.35 -35.51
N MET F 36 4.12 1.59 -34.55
CA MET F 36 5.00 0.47 -34.85
C MET F 36 4.55 -0.76 -34.08
N THR F 37 4.68 -1.92 -34.71
CA THR F 37 4.37 -3.20 -34.10
C THR F 37 5.59 -4.10 -34.22
N ILE F 38 6.28 -4.32 -33.11
CA ILE F 38 7.47 -5.18 -33.07
C ILE F 38 7.08 -6.53 -32.52
N GLU F 39 7.71 -7.59 -33.04
CA GLU F 39 7.20 -8.94 -32.86
C GLU F 39 8.30 -9.86 -32.35
N CYS F 40 7.90 -10.78 -31.48
CA CYS F 40 8.73 -11.91 -31.08
C CYS F 40 7.94 -13.19 -31.27
N LYS F 41 8.53 -14.14 -31.99
CA LYS F 41 7.88 -15.41 -32.29
C LYS F 41 8.31 -16.47 -31.28
N PHE F 42 7.38 -17.35 -30.90
CA PHE F 42 7.67 -18.44 -29.99
C PHE F 42 6.79 -19.63 -30.36
N PRO F 43 7.23 -20.85 -30.07
CA PRO F 43 6.49 -22.04 -30.52
C PRO F 43 5.22 -22.28 -29.69
N VAL F 44 4.11 -22.45 -30.38
CA VAL F 44 2.82 -22.78 -29.79
C VAL F 44 2.32 -24.04 -30.48
N GLU F 45 1.87 -25.04 -29.73
CA GLU F 45 1.06 -26.05 -30.38
C GLU F 45 -0.37 -26.03 -29.86
N LYS F 46 -1.27 -25.81 -30.81
CA LYS F 46 -2.58 -26.21 -31.25
C LYS F 46 -3.89 -25.81 -30.59
N GLN F 47 -3.98 -25.23 -29.39
CA GLN F 47 -4.38 -23.90 -28.96
C GLN F 47 -3.34 -23.38 -27.97
N LEU F 48 -3.13 -22.07 -27.88
CA LEU F 48 -2.35 -21.53 -26.78
C LEU F 48 -2.96 -21.86 -25.41
N ASP F 49 -2.13 -22.37 -24.50
CA ASP F 49 -2.48 -22.56 -23.07
C ASP F 49 -2.16 -21.28 -22.31
N LEU F 50 -3.16 -20.40 -22.18
CA LEU F 50 -2.93 -19.09 -21.57
C LEU F 50 -2.37 -19.18 -20.15
N ALA F 51 -2.82 -20.17 -19.38
CA ALA F 51 -2.38 -20.26 -17.98
C ALA F 51 -0.89 -20.53 -17.83
N ALA F 52 -0.23 -21.02 -18.89
CA ALA F 52 1.19 -21.30 -18.85
C ALA F 52 2.04 -20.22 -19.52
N LEU F 53 1.41 -19.19 -20.07
CA LEU F 53 2.12 -18.18 -20.85
C LEU F 53 2.55 -17.02 -19.97
N ILE F 54 3.78 -16.57 -20.18
CA ILE F 54 4.34 -15.41 -19.49
C ILE F 54 5.05 -14.57 -20.53
N VAL F 55 4.68 -13.29 -20.62
CA VAL F 55 5.27 -12.38 -21.59
C VAL F 55 5.54 -11.04 -20.92
N TYR F 56 6.79 -10.56 -21.03
CA TYR F 56 7.15 -9.20 -20.67
C TYR F 56 7.74 -8.50 -21.89
N TRP F 57 7.35 -7.24 -22.10
CA TRP F 57 8.03 -6.35 -23.04
C TRP F 57 8.68 -5.24 -22.23
N GLU F 58 10.00 -5.08 -22.38
CA GLU F 58 10.70 -4.06 -21.62
C GLU F 58 11.76 -3.33 -22.45
N MET F 59 12.06 -2.15 -21.98
CA MET F 59 13.10 -1.31 -22.60
C MET F 59 13.81 -0.56 -21.48
N GLU F 60 15.13 -0.73 -21.45
CA GLU F 60 16.00 -0.16 -20.41
C GLU F 60 15.43 -0.55 -19.06
N ASP F 61 14.96 0.41 -18.30
CA ASP F 61 14.47 0.07 -16.96
C ASP F 61 12.96 0.23 -16.84
N LYS F 62 12.25 0.17 -17.96
CA LYS F 62 10.82 0.43 -18.01
C LYS F 62 10.09 -0.83 -18.47
N ASN F 63 9.10 -1.25 -17.71
CA ASN F 63 8.21 -2.31 -18.16
C ASN F 63 7.17 -1.70 -19.10
N ILE F 64 6.94 -2.36 -20.23
CA ILE F 64 5.94 -1.95 -21.19
C ILE F 64 4.71 -2.85 -21.13
N ILE F 65 4.93 -4.17 -21.11
CA ILE F 65 3.86 -5.15 -21.00
C ILE F 65 4.23 -6.14 -19.91
N GLN F 66 3.26 -6.46 -19.05
CA GLN F 66 3.40 -7.56 -18.10
C GLN F 66 2.19 -8.47 -18.27
N PHE F 67 2.44 -9.73 -18.58
CA PHE F 67 1.39 -10.71 -18.85
C PHE F 67 1.87 -12.02 -18.26
N VAL F 68 1.35 -12.35 -17.08
CA VAL F 68 1.86 -13.46 -16.26
C VAL F 68 0.75 -14.48 -16.08
N HIS F 69 1.02 -15.71 -16.51
CA HIS F 69 0.07 -16.82 -16.35
C HIS F 69 -1.33 -16.47 -16.80
N GLY F 70 -1.43 -15.70 -17.90
CA GLY F 70 -2.69 -15.39 -18.52
C GLY F 70 -3.35 -14.10 -18.07
N GLU F 71 -2.73 -13.35 -17.18
CA GLU F 71 -3.35 -12.15 -16.63
C GLU F 71 -2.42 -10.97 -16.84
N GLU F 72 -2.89 -9.99 -17.61
CA GLU F 72 -2.11 -8.77 -17.81
C GLU F 72 -2.15 -7.93 -16.53
N ASP F 73 -1.09 -7.16 -16.31
CA ASP F 73 -1.02 -6.27 -15.15
C ASP F 73 -0.52 -4.92 -15.65
N LEU F 74 -1.43 -3.94 -15.70
CA LEU F 74 -1.11 -2.60 -16.19
C LEU F 74 -0.57 -1.67 -15.10
N LYS F 75 -0.71 -2.02 -13.82
CA LYS F 75 -0.23 -1.15 -12.75
C LYS F 75 1.29 -0.99 -12.75
N VAL F 76 2.01 -1.87 -13.44
CA VAL F 76 3.48 -1.81 -13.46
C VAL F 76 4.01 -1.14 -14.72
N GLN F 77 3.16 -0.87 -15.71
CA GLN F 77 3.59 -0.23 -16.93
C GLN F 77 4.22 1.13 -16.64
N HIS F 78 5.37 1.38 -17.25
CA HIS F 78 6.06 2.65 -17.07
C HIS F 78 5.25 3.78 -17.68
N SER F 79 5.36 4.97 -17.07
CA SER F 79 4.61 6.13 -17.53
C SER F 79 4.80 6.40 -19.02
N SER F 80 6.02 6.17 -19.52
CA SER F 80 6.33 6.50 -20.91
C SER F 80 5.43 5.77 -21.90
N TYR F 81 4.91 4.60 -21.52
CA TYR F 81 4.16 3.76 -22.44
C TYR F 81 2.71 3.55 -22.04
N ARG F 82 2.28 4.12 -20.91
CA ARG F 82 0.89 3.99 -20.49
C ARG F 82 -0.04 4.66 -21.51
N GLN F 83 -1.11 3.96 -21.86
CA GLN F 83 -2.10 4.37 -22.87
C GLN F 83 -1.54 4.47 -24.28
N ARG F 84 -0.29 4.04 -24.50
CA ARG F 84 0.32 4.08 -25.82
C ARG F 84 0.79 2.72 -26.32
N ALA F 85 0.74 1.69 -25.49
CA ALA F 85 1.38 0.41 -25.78
C ALA F 85 0.46 -0.73 -25.39
N ARG F 86 0.38 -1.75 -26.25
CA ARG F 86 -0.53 -2.86 -26.06
C ARG F 86 0.08 -4.13 -26.62
N LEU F 87 -0.29 -5.25 -26.02
CA LEU F 87 0.01 -6.57 -26.52
C LEU F 87 -1.16 -7.08 -27.35
N LEU F 88 -0.91 -7.42 -28.61
CA LEU F 88 -1.98 -7.88 -29.49
C LEU F 88 -2.38 -9.28 -29.06
N LYS F 89 -3.50 -9.38 -28.33
CA LYS F 89 -3.90 -10.64 -27.71
C LYS F 89 -4.24 -11.70 -28.75
N ASP F 90 -4.87 -11.29 -29.86
CA ASP F 90 -5.27 -12.24 -30.90
C ASP F 90 -4.07 -12.95 -31.49
N GLN F 91 -2.90 -12.33 -31.44
CA GLN F 91 -1.70 -12.86 -32.07
C GLN F 91 -0.89 -13.77 -31.15
N LEU F 92 -1.21 -13.80 -29.86
CA LEU F 92 -0.56 -14.77 -28.98
C LEU F 92 -0.93 -16.21 -29.35
N SER F 93 -2.15 -16.42 -29.89
CA SER F 93 -2.55 -17.75 -30.29
C SER F 93 -1.68 -18.29 -31.43
N LEU F 94 -1.19 -17.40 -32.29
CA LEU F 94 -0.33 -17.79 -33.41
C LEU F 94 1.14 -17.94 -33.00
N GLY F 95 1.46 -17.81 -31.72
CA GLY F 95 2.85 -17.78 -31.31
C GLY F 95 3.56 -16.48 -31.61
N ASN F 96 2.84 -15.36 -31.59
CA ASN F 96 3.40 -14.05 -31.92
C ASN F 96 3.14 -13.10 -30.75
N ALA F 97 4.20 -12.69 -30.08
CA ALA F 97 4.13 -11.65 -29.05
C ALA F 97 4.33 -10.32 -29.75
N ALA F 98 3.23 -9.61 -30.04
CA ALA F 98 3.25 -8.41 -30.84
C ALA F 98 2.98 -7.20 -29.96
N LEU F 99 3.98 -6.33 -29.83
CA LEU F 99 3.88 -5.09 -29.08
C LEU F 99 3.64 -3.94 -30.04
N GLN F 100 2.55 -3.21 -29.85
CA GLN F 100 2.21 -2.07 -30.69
C GLN F 100 2.30 -0.79 -29.87
N ILE F 101 3.06 0.18 -30.37
CA ILE F 101 3.23 1.48 -29.73
C ILE F 101 2.76 2.55 -30.70
N THR F 102 1.85 3.41 -30.23
CA THR F 102 1.23 4.44 -31.05
C THR F 102 1.96 5.77 -30.92
N ASP F 103 2.00 6.51 -32.03
CA ASP F 103 2.53 7.88 -32.05
C ASP F 103 3.99 7.91 -31.56
N VAL F 104 4.84 7.20 -32.29
CA VAL F 104 6.22 7.00 -31.88
C VAL F 104 7.01 8.28 -32.09
N LYS F 105 7.82 8.64 -31.10
CA LYS F 105 8.66 9.83 -31.17
C LYS F 105 10.08 9.43 -30.82
N LEU F 106 10.98 10.41 -30.82
CA LEU F 106 12.40 10.15 -30.62
C LEU F 106 12.70 9.60 -29.22
N GLN F 107 11.86 9.89 -28.23
CA GLN F 107 12.04 9.30 -26.91
C GLN F 107 11.79 7.80 -26.90
N ASP F 108 11.18 7.26 -27.96
CA ASP F 108 10.89 5.83 -28.05
C ASP F 108 12.03 5.03 -28.66
N ALA F 109 13.09 5.69 -29.12
CA ALA F 109 14.24 4.98 -29.66
C ALA F 109 15.01 4.27 -28.56
N GLY F 110 15.55 3.12 -28.89
CA GLY F 110 16.32 2.34 -27.95
C GLY F 110 16.14 0.87 -28.22
N VAL F 111 16.66 0.06 -27.29
CA VAL F 111 16.65 -1.39 -27.42
C VAL F 111 15.48 -1.92 -26.61
N TYR F 112 14.58 -2.63 -27.28
CA TYR F 112 13.45 -3.29 -26.65
C TYR F 112 13.77 -4.76 -26.46
N ARG F 113 13.12 -5.39 -25.48
CA ARG F 113 13.37 -6.79 -25.23
C ARG F 113 12.06 -7.51 -24.97
N CYS F 114 11.91 -8.69 -25.56
CA CYS F 114 10.81 -9.60 -25.25
C CYS F 114 11.33 -10.74 -24.39
N MET F 115 10.60 -11.07 -23.34
CA MET F 115 10.94 -12.19 -22.46
C MET F 115 9.69 -13.05 -22.33
N ILE F 116 9.75 -14.24 -22.91
CA ILE F 116 8.61 -15.15 -23.00
C ILE F 116 9.01 -16.46 -22.35
N SER F 117 8.22 -16.90 -21.37
CA SER F 117 8.35 -18.24 -20.81
C SER F 117 7.04 -18.97 -21.04
N TYR F 118 7.10 -20.04 -21.82
CA TYR F 118 5.95 -20.92 -22.05
C TYR F 118 6.55 -22.32 -22.06
N GLY F 119 6.55 -22.97 -20.91
CA GLY F 119 7.34 -24.18 -20.80
C GLY F 119 8.75 -23.78 -20.42
N GLY F 120 9.62 -23.81 -21.43
CA GLY F 120 10.92 -23.16 -21.39
C GLY F 120 10.82 -21.66 -21.69
N ALA F 121 11.94 -20.97 -21.49
CA ALA F 121 11.97 -19.52 -21.58
C ALA F 121 13.17 -19.05 -22.38
N ASP F 122 13.01 -17.88 -23.00
CA ASP F 122 14.06 -17.24 -23.77
C ASP F 122 13.69 -15.77 -23.94
N TYR F 123 14.68 -14.96 -24.34
CA TYR F 123 14.42 -13.56 -24.60
C TYR F 123 15.21 -13.10 -25.82
N LYS F 124 14.74 -12.00 -26.42
CA LYS F 124 15.35 -11.42 -27.61
C LYS F 124 15.31 -9.91 -27.50
N ARG F 125 16.29 -9.26 -28.13
CA ARG F 125 16.41 -7.81 -28.11
C ARG F 125 16.16 -7.25 -29.51
N ILE F 126 15.53 -6.07 -29.57
CA ILE F 126 15.16 -5.41 -30.82
C ILE F 126 15.54 -3.94 -30.72
N THR F 127 16.22 -3.44 -31.74
CA THR F 127 16.63 -2.04 -31.78
C THR F 127 15.60 -1.22 -32.55
N VAL F 128 15.25 -0.06 -32.00
CA VAL F 128 14.32 0.88 -32.64
C VAL F 128 15.03 2.21 -32.83
N LYS F 129 14.98 2.73 -34.05
CA LYS F 129 15.47 4.06 -34.40
C LYS F 129 14.32 4.85 -35.01
N VAL F 130 14.22 6.14 -34.66
CA VAL F 130 13.09 6.97 -35.07
C VAL F 130 13.61 8.12 -35.91
N ASN F 131 13.06 8.26 -37.12
CA ASN F 131 13.45 9.34 -38.01
C ASN F 131 12.89 10.68 -37.53
N ALA F 132 13.56 11.75 -37.91
CA ALA F 132 13.10 13.09 -37.60
C ALA F 132 11.79 13.39 -38.33
N PRO F 133 11.03 14.38 -37.86
CA PRO F 133 9.77 14.73 -38.55
C PRO F 133 10.00 15.11 -40.00
N TYR F 134 8.91 15.06 -40.77
CA TYR F 134 8.90 15.31 -42.22
C TYR F 134 9.55 14.15 -42.96
#